data_7FT6
#
_entry.id   7FT6
#
_cell.length_a   80.693
_cell.length_b   49.422
_cell.length_c   114.672
_cell.angle_alpha   90.000
_cell.angle_beta   95.150
_cell.angle_gamma   90.000
#
_symmetry.space_group_name_H-M   'P 1 21 1'
#
loop_
_entity.id
_entity.type
_entity.pdbx_description
1 polymer Syntenin-1
2 non-polymer 1,2-ETHANEDIOL
3 non-polymer 'D-GLUTAMIC ACID'
4 non-polymer GLYCINE
5 non-polymer 'methyl 1-(methanesulfonyl)-2-methyl-D-prolinate'
6 non-polymer 'SULFATE ION'
7 non-polymer ALANINE
8 water water
#
_entity_poly.entity_id   1
_entity_poly.type   'polypeptide(L)'
_entity_poly.pdbx_seq_one_letter_code
;SMAEIKQGIREVILCKDQDGKIGLRLKSIDNGIFVQLVQANSPASLVGLRFGDQVLQINGENCAGWSSDKAHKVLKQAFG
EKITMTIRDRPFERTITMHKDSTGHVGFIFKNGKITSIVKDSSAARNGLLTEHNICEINGQNVIGLKDSQIADILSTSGT
VVTITIMPAFIFEHIIKRMAPSIMKSLMDHTIPEV
;
_entity_poly.pdbx_strand_id   A,B,C,D
#
loop_
_chem_comp.id
_chem_comp.type
_chem_comp.name
_chem_comp.formula
EDO non-polymer 1,2-ETHANEDIOL 'C2 H6 O2'
SO4 non-polymer 'SULFATE ION' 'O4 S -2'
YEK non-polymer 'methyl 1-(methanesulfonyl)-2-methyl-D-prolinate' 'C8 H15 N O4 S'
#
# COMPACT_ATOMS: atom_id res chain seq x y z
N ILE A 5 26.40 9.75 -3.39
CA ILE A 5 25.38 8.84 -3.98
C ILE A 5 25.89 8.36 -5.35
N LYS A 6 26.24 7.06 -5.47
CA LYS A 6 26.71 6.42 -6.72
C LYS A 6 25.71 6.71 -7.85
N GLN A 7 26.07 6.37 -9.10
CA GLN A 7 25.35 6.80 -10.34
C GLN A 7 24.70 5.61 -11.04
N GLY A 8 23.96 4.78 -10.28
CA GLY A 8 23.10 3.72 -10.83
C GLY A 8 23.08 2.49 -9.94
N ILE A 9 23.00 1.33 -10.59
CA ILE A 9 22.69 0.01 -9.97
C ILE A 9 23.99 -0.76 -9.75
N ARG A 10 24.02 -1.67 -8.77
CA ARG A 10 25.20 -2.51 -8.45
C ARG A 10 24.70 -3.85 -7.90
N GLU A 11 25.52 -4.89 -8.04
CA GLU A 11 25.18 -6.22 -7.52
C GLU A 11 25.95 -6.38 -6.22
N VAL A 12 25.29 -6.91 -5.19
CA VAL A 12 26.00 -7.29 -3.95
C VAL A 12 25.72 -8.78 -3.73
N ILE A 13 26.74 -9.51 -3.27
CA ILE A 13 26.55 -10.95 -2.96
C ILE A 13 26.72 -11.13 -1.45
N LEU A 14 25.69 -11.67 -0.82
CA LEU A 14 25.57 -11.69 0.66
C LEU A 14 25.68 -13.14 1.10
N CYS A 15 26.11 -13.32 2.35
CA CYS A 15 26.29 -14.61 3.05
C CYS A 15 25.77 -14.51 4.48
N LYS A 16 24.68 -15.23 4.80
CA LYS A 16 24.12 -15.31 6.19
C LYS A 16 25.21 -15.74 7.18
N ASP A 17 25.33 -15.04 8.31
CA ASP A 17 26.32 -15.34 9.37
C ASP A 17 25.88 -16.66 10.04
N GLN A 18 26.60 -17.04 11.10
CA GLN A 18 26.43 -18.38 11.73
C GLN A 18 25.02 -18.48 12.31
N ASP A 19 24.37 -17.33 12.61
CA ASP A 19 23.01 -17.27 13.22
C ASP A 19 21.91 -17.23 12.14
N GLY A 20 22.27 -17.19 10.86
CA GLY A 20 21.30 -17.11 9.74
C GLY A 20 20.82 -15.68 9.57
N LYS A 21 21.53 -14.70 10.12
CA LYS A 21 21.18 -13.27 10.02
C LYS A 21 22.05 -12.61 8.95
N ILE A 22 21.54 -11.54 8.34
CA ILE A 22 22.35 -10.68 7.40
C ILE A 22 22.45 -9.26 7.97
N GLY A 23 21.57 -8.88 8.90
CA GLY A 23 21.67 -7.60 9.61
C GLY A 23 20.88 -6.50 8.91
N LEU A 24 19.75 -6.84 8.35
CA LEU A 24 18.93 -5.90 7.55
C LEU A 24 17.47 -5.88 7.99
N ARG A 25 16.91 -4.68 8.17
CA ARG A 25 15.44 -4.48 8.06
C ARG A 25 15.15 -3.66 6.77
N LEU A 26 14.05 -4.00 6.10
CA LEU A 26 13.63 -3.52 4.77
C LEU A 26 12.26 -2.86 4.96
N LYS A 27 11.99 -1.78 4.23
CA LYS A 27 10.69 -1.07 4.27
C LYS A 27 10.16 -0.83 2.84
N SER A 28 8.88 -1.12 2.64
CA SER A 28 8.10 -0.81 1.43
C SER A 28 7.84 0.70 1.37
N ILE A 29 8.30 1.36 0.32
CA ILE A 29 8.05 2.81 0.10
C ILE A 29 7.68 2.99 -1.38
N ASP A 30 6.49 3.51 -1.68
CA ASP A 30 6.08 3.87 -3.06
C ASP A 30 6.30 2.65 -3.96
N ASN A 31 5.90 1.47 -3.49
CA ASN A 31 5.97 0.17 -4.21
C ASN A 31 7.43 -0.22 -4.53
N GLY A 32 8.39 0.34 -3.82
CA GLY A 32 9.78 -0.13 -3.84
C GLY A 32 10.11 -0.83 -2.54
N ILE A 33 11.35 -1.26 -2.41
CA ILE A 33 11.85 -1.78 -1.10
C ILE A 33 13.14 -1.07 -0.80
N PHE A 34 13.24 -0.53 0.40
CA PHE A 34 14.34 0.35 0.85
C PHE A 34 14.96 -0.23 2.13
N VAL A 35 16.24 0.05 2.35
CA VAL A 35 16.97 -0.34 3.58
C VAL A 35 16.54 0.61 4.71
N GLN A 36 15.85 0.06 5.73
CA GLN A 36 15.49 0.82 6.95
C GLN A 36 16.64 0.75 7.96
N LEU A 37 17.37 -0.36 7.99
CA LEU A 37 18.34 -0.65 9.07
C LEU A 37 19.43 -1.56 8.56
N VAL A 38 20.66 -1.13 8.77
CA VAL A 38 21.87 -2.01 8.65
C VAL A 38 22.52 -2.12 10.03
N GLN A 39 22.57 -3.36 10.49
CA GLN A 39 23.18 -3.77 11.76
C GLN A 39 24.72 -3.75 11.60
N ALA A 40 25.42 -3.11 12.54
CA ALA A 40 26.90 -3.15 12.67
C ALA A 40 27.41 -4.60 12.64
N ASN A 41 28.62 -4.80 12.12
CA ASN A 41 29.34 -6.10 11.98
C ASN A 41 28.38 -7.19 11.50
N SER A 42 27.53 -6.88 10.53
CA SER A 42 26.69 -7.91 9.88
C SER A 42 27.19 -8.13 8.46
N PRO A 43 26.71 -9.21 7.80
CA PRO A 43 26.93 -9.35 6.35
C PRO A 43 26.53 -8.10 5.53
N ALA A 44 25.40 -7.48 5.89
CA ALA A 44 24.85 -6.36 5.11
C ALA A 44 25.83 -5.19 5.18
N SER A 45 26.41 -4.90 6.35
CA SER A 45 27.43 -3.81 6.49
C SER A 45 28.71 -4.16 5.71
N LEU A 46 29.18 -5.41 5.79
CA LEU A 46 30.46 -5.83 5.14
C LEU A 46 30.33 -5.62 3.63
N VAL A 47 29.23 -6.06 3.04
CA VAL A 47 29.02 -5.90 1.58
C VAL A 47 28.65 -4.43 1.26
N GLY A 48 28.47 -3.58 2.27
CA GLY A 48 28.39 -2.13 2.05
C GLY A 48 26.98 -1.63 1.80
N LEU A 49 25.93 -2.38 2.19
CA LEU A 49 24.53 -1.86 2.18
C LEU A 49 24.43 -0.67 3.14
N ARG A 50 23.64 0.31 2.74
CA ARG A 50 23.51 1.64 3.40
C ARG A 50 22.02 1.87 3.62
N PHE A 51 21.72 2.53 4.72
CA PHE A 51 20.42 3.18 4.94
C PHE A 51 19.99 3.96 3.69
N GLY A 52 18.72 3.78 3.27
CA GLY A 52 18.09 4.44 2.13
C GLY A 52 18.38 3.78 0.77
N ASP A 53 19.17 2.71 0.71
CA ASP A 53 19.45 1.96 -0.55
C ASP A 53 18.13 1.33 -0.99
N GLN A 54 17.92 1.27 -2.29
CA GLN A 54 16.76 0.54 -2.83
C GLN A 54 17.23 -0.85 -3.21
N VAL A 55 16.40 -1.81 -2.95
CA VAL A 55 16.60 -3.21 -3.33
C VAL A 55 15.67 -3.50 -4.50
N LEU A 56 16.24 -3.64 -5.69
CA LEU A 56 15.53 -3.88 -6.98
C LEU A 56 15.24 -5.38 -7.08
N GLN A 57 16.27 -6.19 -6.87
CA GLN A 57 16.13 -7.65 -6.89
C GLN A 57 16.81 -8.31 -5.69
N ILE A 58 16.28 -9.47 -5.40
CA ILE A 58 16.79 -10.43 -4.38
C ILE A 58 16.79 -11.72 -5.14
N ASN A 59 17.96 -12.35 -5.30
CA ASN A 59 18.11 -13.60 -6.06
C ASN A 59 17.40 -13.46 -7.42
N GLY A 60 17.47 -12.27 -8.03
CA GLY A 60 16.95 -12.00 -9.38
C GLY A 60 15.44 -11.96 -9.44
N GLU A 61 14.73 -12.02 -8.32
CA GLU A 61 13.28 -11.67 -8.27
C GLU A 61 13.12 -10.16 -8.00
N ASN A 62 12.17 -9.53 -8.67
CA ASN A 62 11.89 -8.07 -8.54
C ASN A 62 11.14 -7.81 -7.22
N CYS A 63 11.54 -6.77 -6.48
CA CYS A 63 10.88 -6.44 -5.19
C CYS A 63 9.63 -5.57 -5.43
N ALA A 64 9.40 -5.06 -6.65
CA ALA A 64 8.30 -4.09 -6.90
C ALA A 64 7.01 -4.58 -6.24
N GLY A 65 6.41 -3.75 -5.40
CA GLY A 65 5.08 -4.00 -4.83
C GLY A 65 5.08 -4.98 -3.66
N TRP A 66 6.24 -5.42 -3.18
CA TRP A 66 6.32 -6.30 -1.98
C TRP A 66 6.01 -5.48 -0.70
N SER A 67 5.17 -6.05 0.17
CA SER A 67 5.12 -5.70 1.62
C SER A 67 6.52 -5.85 2.21
N SER A 68 6.86 -4.99 3.18
CA SER A 68 7.99 -5.18 4.11
C SER A 68 7.94 -6.61 4.72
N ASP A 69 6.76 -7.09 5.14
CA ASP A 69 6.62 -8.51 5.58
C ASP A 69 7.19 -9.46 4.51
N LYS A 70 6.72 -9.39 3.25
CA LYS A 70 7.12 -10.40 2.23
C LYS A 70 8.63 -10.32 1.94
N ALA A 71 9.25 -9.14 1.95
CA ALA A 71 10.70 -9.01 1.70
C ALA A 71 11.49 -9.73 2.81
N HIS A 72 11.10 -9.52 4.07
CA HIS A 72 11.62 -10.23 5.29
C HIS A 72 11.39 -11.75 5.18
N LYS A 73 10.20 -12.17 4.80
CA LYS A 73 9.90 -13.59 4.52
C LYS A 73 10.83 -14.15 3.45
N VAL A 74 11.03 -13.44 2.34
CA VAL A 74 11.88 -13.95 1.23
C VAL A 74 13.31 -14.14 1.76
N LEU A 75 13.84 -13.15 2.46
CA LEU A 75 15.20 -13.23 3.05
C LEU A 75 15.34 -14.47 3.98
N LYS A 76 14.29 -14.80 4.74
CA LYS A 76 14.27 -15.90 5.72
C LYS A 76 14.41 -17.22 4.95
N GLN A 77 13.91 -17.33 3.73
CA GLN A 77 13.85 -18.62 3.00
C GLN A 77 14.97 -18.84 1.97
N ALA A 78 15.92 -17.91 1.84
CA ALA A 78 17.07 -18.02 0.92
C ALA A 78 17.98 -19.16 1.41
N PHE A 79 18.80 -19.74 0.52
CA PHE A 79 19.69 -20.90 0.79
C PHE A 79 21.07 -20.44 1.28
N GLY A 80 21.13 -19.25 1.91
CA GLY A 80 22.23 -18.79 2.78
C GLY A 80 23.55 -18.63 2.05
N GLU A 81 24.21 -19.74 1.71
CA GLU A 81 25.50 -19.78 0.98
C GLU A 81 25.69 -18.47 0.21
N LYS A 82 24.77 -18.16 -0.69
CA LYS A 82 24.87 -17.01 -1.65
C LYS A 82 23.49 -16.35 -1.78
N ILE A 83 23.42 -15.06 -1.44
CA ILE A 83 22.25 -14.18 -1.74
C ILE A 83 22.75 -13.02 -2.61
N THR A 84 22.16 -12.87 -3.81
CA THR A 84 22.47 -11.75 -4.72
C THR A 84 21.40 -10.68 -4.51
N MET A 85 21.81 -9.44 -4.38
CA MET A 85 20.83 -8.34 -4.44
C MET A 85 21.29 -7.38 -5.53
N THR A 86 20.31 -6.76 -6.18
CA THR A 86 20.50 -5.63 -7.09
C THR A 86 20.06 -4.36 -6.35
N ILE A 87 20.99 -3.44 -6.18
CA ILE A 87 20.83 -2.23 -5.30
C ILE A 87 20.84 -0.98 -6.17
N ARG A 88 19.90 -0.06 -5.96
CA ARG A 88 20.06 1.34 -6.41
C ARG A 88 20.51 2.21 -5.22
N ASP A 89 21.60 2.95 -5.38
CA ASP A 89 22.27 3.68 -4.28
C ASP A 89 21.41 4.86 -3.80
N ARG A 90 20.96 4.80 -2.54
CA ARG A 90 20.33 5.91 -1.76
C ARG A 90 19.56 6.87 -2.66
N PRO A 91 18.54 6.38 -3.40
CA PRO A 91 17.89 7.19 -4.41
C PRO A 91 17.21 8.45 -3.83
N PHE A 92 16.74 8.40 -2.59
CA PHE A 92 16.03 9.55 -1.96
C PHE A 92 17.05 10.52 -1.37
N GLU A 93 18.35 10.28 -1.47
CA GLU A 93 19.30 11.17 -0.77
C GLU A 93 20.13 11.99 -1.77
N ARG A 94 20.67 13.10 -1.30
CA ARG A 94 21.70 13.86 -2.05
C ARG A 94 22.85 14.17 -1.09
N THR A 95 24.01 14.48 -1.64
CA THR A 95 25.22 14.82 -0.86
C THR A 95 25.61 16.26 -1.13
N ILE A 96 26.04 16.95 -0.09
CA ILE A 96 26.43 18.37 -0.19
C ILE A 96 27.82 18.51 0.45
N THR A 97 28.74 19.17 -0.27
CA THR A 97 30.10 19.50 0.23
C THR A 97 30.12 20.94 0.71
N MET A 98 30.59 21.15 1.93
CA MET A 98 30.73 22.49 2.57
C MET A 98 32.13 22.61 3.18
N HIS A 99 32.55 23.85 3.45
CA HIS A 99 33.89 24.21 4.01
C HIS A 99 33.65 24.99 5.31
N LYS A 100 34.22 24.57 6.46
CA LYS A 100 34.04 25.32 7.73
C LYS A 100 34.63 26.70 7.55
N ASP A 101 34.15 27.71 8.28
CA ASP A 101 34.76 29.06 8.34
C ASP A 101 35.88 29.00 9.37
N SER A 102 36.52 30.09 9.77
CA SER A 102 37.67 30.06 10.73
C SER A 102 37.15 29.70 12.12
N THR A 103 35.88 29.99 12.39
CA THR A 103 35.17 29.65 13.64
C THR A 103 34.80 28.17 13.69
N GLY A 104 35.18 27.40 12.67
CA GLY A 104 34.85 25.96 12.55
C GLY A 104 33.36 25.71 12.31
N HIS A 105 32.62 26.65 11.70
CA HIS A 105 31.15 26.52 11.41
C HIS A 105 30.91 26.21 9.93
N VAL A 106 29.95 25.34 9.59
CA VAL A 106 29.49 25.13 8.19
C VAL A 106 28.31 26.07 7.89
N GLY A 107 27.42 26.25 8.87
CA GLY A 107 26.44 27.36 8.92
C GLY A 107 25.01 26.87 8.82
N PHE A 108 24.61 25.91 9.68
CA PHE A 108 23.20 25.51 9.91
C PHE A 108 22.95 25.13 11.37
N ILE A 109 21.66 25.02 11.70
CA ILE A 109 21.09 24.54 12.98
C ILE A 109 20.20 23.35 12.65
N PHE A 110 20.28 22.31 13.46
CA PHE A 110 19.42 21.10 13.34
C PHE A 110 18.87 20.71 14.71
N LYS A 111 17.80 19.90 14.68
CA LYS A 111 17.11 19.35 15.87
C LYS A 111 16.59 17.95 15.57
N ASN A 112 16.88 16.96 16.43
CA ASN A 112 16.55 15.52 16.21
C ASN A 112 17.09 15.11 14.84
N GLY A 113 18.26 15.61 14.44
CA GLY A 113 18.90 15.24 13.16
C GLY A 113 18.35 15.98 11.93
N LYS A 114 17.34 16.83 12.11
CA LYS A 114 16.62 17.58 11.05
C LYS A 114 17.13 19.04 10.98
N ILE A 115 17.72 19.43 9.84
CA ILE A 115 18.17 20.84 9.58
C ILE A 115 16.93 21.75 9.66
N THR A 116 17.00 22.84 10.46
CA THR A 116 15.83 23.74 10.74
C THR A 116 16.08 25.17 10.32
N SER A 117 17.33 25.60 10.18
CA SER A 117 17.63 26.92 9.59
C SER A 117 19.06 26.92 9.01
N ILE A 118 19.29 27.81 8.04
CA ILE A 118 20.59 27.98 7.34
C ILE A 118 21.09 29.38 7.70
N VAL A 119 22.35 29.52 8.12
CA VAL A 119 22.89 30.82 8.62
C VAL A 119 23.37 31.64 7.42
N LYS A 120 22.93 32.89 7.34
CA LYS A 120 23.26 33.80 6.21
C LYS A 120 24.77 33.88 6.09
N ASP A 121 25.28 34.11 4.88
CA ASP A 121 26.73 34.30 4.59
C ASP A 121 27.55 33.04 4.92
N SER A 122 26.95 31.85 5.02
CA SER A 122 27.67 30.60 5.36
C SER A 122 27.91 29.73 4.11
N SER A 123 28.81 28.74 4.24
CA SER A 123 29.06 27.67 3.23
C SER A 123 27.78 26.88 2.98
N ALA A 124 26.98 26.64 4.00
CA ALA A 124 25.66 25.96 3.88
C ALA A 124 24.73 26.79 2.98
N ALA A 125 24.68 28.11 3.18
CA ALA A 125 23.93 29.04 2.33
C ALA A 125 24.49 28.95 0.92
N ARG A 126 25.81 29.15 0.78
CA ARG A 126 26.50 29.20 -0.55
C ARG A 126 26.26 27.89 -1.32
N ASN A 127 26.06 26.77 -0.61
CA ASN A 127 25.89 25.41 -1.21
C ASN A 127 24.42 24.99 -1.31
N GLY A 128 23.49 25.87 -0.96
CA GLY A 128 22.04 25.59 -1.00
C GLY A 128 21.63 24.37 -0.17
N LEU A 129 22.15 24.24 1.06
CA LEU A 129 21.59 23.33 2.08
C LEU A 129 20.13 23.69 2.32
N LEU A 130 19.29 22.69 2.40
CA LEU A 130 17.85 22.88 2.59
C LEU A 130 17.48 22.58 4.04
N THR A 131 16.43 23.23 4.53
CA THR A 131 15.81 22.80 5.81
C THR A 131 14.81 21.67 5.55
N GLU A 132 14.20 21.16 6.63
CA GLU A 132 13.23 20.06 6.55
C GLU A 132 13.89 18.84 5.89
N HIS A 133 15.17 18.64 6.15
CA HIS A 133 15.97 17.51 5.63
C HIS A 133 16.65 16.87 6.81
N ASN A 134 16.54 15.55 6.92
CA ASN A 134 17.23 14.75 7.95
C ASN A 134 18.64 14.47 7.51
N ILE A 135 19.57 14.54 8.46
CA ILE A 135 20.99 14.19 8.23
C ILE A 135 21.09 12.67 8.29
N CYS A 136 21.56 12.04 7.20
CA CYS A 136 21.67 10.57 7.10
C CYS A 136 23.10 10.12 7.39
N GLU A 137 24.07 10.89 6.94
CA GLU A 137 25.49 10.53 6.97
C GLU A 137 26.32 11.82 7.03
N ILE A 138 27.54 11.73 7.55
CA ILE A 138 28.53 12.85 7.54
C ILE A 138 29.88 12.27 7.21
N ASN A 139 30.53 12.77 6.16
CA ASN A 139 31.80 12.19 5.67
C ASN A 139 31.62 10.67 5.57
N GLY A 140 30.45 10.22 5.11
CA GLY A 140 30.19 8.81 4.74
C GLY A 140 29.88 7.93 5.95
N GLN A 141 29.91 8.49 7.16
CA GLN A 141 29.51 7.79 8.40
C GLN A 141 28.02 7.94 8.62
N ASN A 142 27.30 6.83 8.76
CA ASN A 142 25.87 6.89 9.12
C ASN A 142 25.79 7.52 10.53
N VAL A 143 24.88 8.49 10.76
CA VAL A 143 24.68 9.19 12.06
C VAL A 143 23.22 9.13 12.47
N ILE A 144 22.46 8.20 11.91
CA ILE A 144 21.01 8.12 12.20
C ILE A 144 20.78 7.54 13.59
N GLY A 145 20.08 8.29 14.46
CA GLY A 145 19.75 7.82 15.83
C GLY A 145 20.75 8.33 16.87
N LEU A 146 21.95 8.75 16.46
CA LEU A 146 22.91 9.40 17.39
C LEU A 146 22.20 10.58 18.04
N LYS A 147 22.68 11.03 19.19
CA LYS A 147 22.17 12.25 19.86
C LYS A 147 22.59 13.43 19.00
N ASP A 148 21.96 14.60 19.15
CA ASP A 148 22.34 15.80 18.37
C ASP A 148 23.79 16.16 18.74
N SER A 149 24.13 16.06 20.04
CA SER A 149 25.44 16.47 20.58
C SER A 149 26.55 15.66 19.90
N GLN A 150 26.31 14.37 19.66
CA GLN A 150 27.29 13.45 19.00
C GLN A 150 27.40 13.79 17.50
N ILE A 151 26.33 14.26 16.89
CA ILE A 151 26.38 14.70 15.47
C ILE A 151 27.20 16.00 15.46
N ALA A 152 27.00 16.86 16.46
CA ALA A 152 27.74 18.13 16.58
C ALA A 152 29.21 17.80 16.81
N ASP A 153 29.49 16.77 17.60
CA ASP A 153 30.86 16.26 17.86
C ASP A 153 31.52 15.87 16.53
N ILE A 154 30.89 14.94 15.77
CA ILE A 154 31.41 14.43 14.47
C ILE A 154 31.73 15.60 13.55
N LEU A 155 31.02 16.71 13.67
CA LEU A 155 31.20 17.89 12.76
C LEU A 155 32.37 18.74 13.25
N SER A 156 32.45 18.97 14.56
CA SER A 156 33.64 19.52 15.28
C SER A 156 34.91 18.81 14.84
N THR A 157 34.92 17.48 14.82
CA THR A 157 36.17 16.68 14.66
C THR A 157 36.45 16.45 13.17
N SER A 158 35.46 16.60 12.28
CA SER A 158 35.72 16.55 10.81
C SER A 158 36.76 17.63 10.46
N GLY A 159 37.54 17.41 9.40
CA GLY A 159 38.42 18.43 8.79
C GLY A 159 37.61 19.55 8.18
N THR A 160 38.23 20.46 7.44
CA THR A 160 37.57 21.75 7.07
C THR A 160 36.48 21.48 6.01
N VAL A 161 36.73 20.52 5.09
CA VAL A 161 35.72 19.97 4.14
C VAL A 161 34.80 19.00 4.90
N VAL A 162 33.51 19.20 4.73
CA VAL A 162 32.42 18.41 5.37
C VAL A 162 31.44 18.03 4.26
N THR A 163 31.17 16.75 4.18
CA THR A 163 30.22 16.15 3.24
C THR A 163 29.05 15.66 4.06
N ILE A 164 27.84 16.15 3.74
CA ILE A 164 26.61 15.72 4.45
C ILE A 164 25.63 15.10 3.46
N THR A 165 25.10 13.95 3.80
CA THR A 165 24.10 13.24 3.00
C THR A 165 22.77 13.41 3.68
N ILE A 166 21.82 14.02 2.99
CA ILE A 166 20.50 14.45 3.55
C ILE A 166 19.36 13.81 2.77
N MET A 167 18.20 13.77 3.39
CA MET A 167 16.97 13.17 2.86
C MET A 167 15.81 14.06 3.27
N PRO A 168 14.87 14.36 2.34
CA PRO A 168 13.63 15.07 2.71
C PRO A 168 12.97 14.40 3.93
N ALA A 169 12.56 15.21 4.89
CA ALA A 169 12.10 14.73 6.22
C ALA A 169 10.87 13.83 6.07
N PHE A 170 9.90 14.22 5.26
N PHE A 170 9.93 14.20 5.20
CA PHE A 170 8.69 13.40 4.98
CA PHE A 170 8.69 13.46 4.92
C PHE A 170 9.14 11.98 4.61
C PHE A 170 9.01 12.03 4.42
N ILE A 171 10.15 11.85 3.76
CA ILE A 171 10.59 10.51 3.26
C ILE A 171 11.30 9.77 4.39
N PHE A 172 12.21 10.43 5.09
CA PHE A 172 12.92 9.92 6.28
C PHE A 172 11.87 9.43 7.33
N GLU A 173 10.88 10.25 7.66
CA GLU A 173 9.84 9.89 8.67
C GLU A 173 9.02 8.69 8.20
N HIS A 174 8.85 8.48 6.89
CA HIS A 174 8.09 7.33 6.34
C HIS A 174 8.98 6.06 6.39
N ILE A 175 10.30 6.17 6.29
CA ILE A 175 11.22 5.00 6.24
C ILE A 175 11.39 4.40 7.65
N ILE A 176 11.56 5.25 8.67
CA ILE A 176 11.85 4.85 10.07
C ILE A 176 10.57 4.60 10.89
N LYS A 177 9.36 4.97 10.43
CA LYS A 177 8.08 4.54 11.06
C LYS A 177 8.16 3.05 11.43
N ARG A 178 7.86 2.70 12.69
CA ARG A 178 7.78 1.30 13.19
C ARG A 178 9.18 0.71 13.39
N MET A 179 10.19 1.58 13.60
CA MET A 179 11.51 1.23 14.17
C MET A 179 11.68 1.96 15.52
N ALA A 180 12.00 1.20 16.59
CA ALA A 180 12.19 1.71 17.97
C ALA A 180 13.32 2.74 17.98
N PRO A 181 13.09 3.98 18.50
CA PRO A 181 14.14 5.01 18.50
C PRO A 181 15.47 4.57 19.14
N SER A 182 15.46 3.56 20.04
CA SER A 182 16.65 3.02 20.75
C SER A 182 17.38 1.95 19.91
N ILE A 183 16.65 1.18 19.08
CA ILE A 183 17.31 0.29 18.07
C ILE A 183 18.07 1.16 17.07
N MET A 184 17.50 2.33 16.67
CA MET A 184 18.12 3.37 15.80
C MET A 184 19.48 3.75 16.40
N LYS A 185 19.49 4.23 17.66
CA LYS A 185 20.72 4.51 18.47
C LYS A 185 21.62 3.28 18.65
N SER A 186 21.05 2.14 19.03
CA SER A 186 21.78 0.94 19.53
C SER A 186 22.45 0.20 18.37
N LEU A 187 21.74 -0.05 17.27
CA LEU A 187 22.03 -1.17 16.33
C LEU A 187 22.30 -0.71 14.88
N MET A 188 21.77 0.44 14.42
CA MET A 188 22.21 1.11 13.16
C MET A 188 23.73 1.25 13.13
N ASP A 189 24.34 0.65 12.12
CA ASP A 189 25.80 0.66 11.92
C ASP A 189 26.23 2.13 11.71
N HIS A 190 26.97 2.69 12.67
CA HIS A 190 27.57 4.04 12.66
C HIS A 190 29.07 3.95 12.42
N THR A 191 29.57 2.81 12.00
CA THR A 191 31.04 2.63 11.93
C THR A 191 31.51 3.25 10.64
N ILE A 192 32.75 3.74 10.60
CA ILE A 192 33.52 3.92 9.34
C ILE A 192 33.64 2.54 8.72
N PRO A 193 33.47 2.35 7.38
CA PRO A 193 33.59 1.02 6.77
C PRO A 193 35.03 0.50 6.67
N GLU A 194 35.15 -0.81 6.54
CA GLU A 194 36.42 -1.58 6.62
C GLU A 194 36.96 -1.81 5.20
N VAL A 195 38.28 -1.90 5.02
CA VAL A 195 38.89 -2.36 3.74
C VAL A 195 39.70 -3.64 4.00
N ALA B 3 -2.17 -31.78 22.08
CA ALA B 3 -2.07 -30.61 23.01
C ALA B 3 -1.14 -30.97 24.17
N GLU B 4 -0.74 -32.24 24.24
CA GLU B 4 0.18 -32.81 25.26
C GLU B 4 1.32 -31.82 25.55
N ILE B 5 1.42 -31.36 26.79
CA ILE B 5 2.53 -30.47 27.28
C ILE B 5 3.87 -31.19 27.03
N LYS B 6 4.68 -30.68 26.08
CA LYS B 6 6.05 -31.17 25.76
C LYS B 6 6.90 -31.13 27.05
N GLN B 7 7.83 -32.09 27.20
CA GLN B 7 8.82 -32.08 28.31
C GLN B 7 10.16 -31.57 27.75
N GLY B 8 10.90 -30.81 28.55
CA GLY B 8 12.17 -30.20 28.15
C GLY B 8 11.95 -28.93 27.34
N ILE B 9 13.05 -28.30 26.97
CA ILE B 9 13.18 -26.88 26.52
C ILE B 9 13.31 -26.84 25.00
N ARG B 10 12.72 -25.84 24.34
CA ARG B 10 12.86 -25.68 22.85
C ARG B 10 13.27 -24.25 22.50
N GLU B 11 13.93 -24.10 21.35
CA GLU B 11 14.32 -22.81 20.73
C GLU B 11 13.15 -22.37 19.85
N VAL B 12 12.76 -21.10 19.86
CA VAL B 12 11.82 -20.54 18.85
C VAL B 12 12.51 -19.29 18.28
N ILE B 13 12.28 -19.00 17.00
CA ILE B 13 12.91 -17.85 16.30
C ILE B 13 11.77 -16.97 15.79
N LEU B 14 11.72 -15.73 16.30
CA LEU B 14 10.70 -14.72 15.95
C LEU B 14 11.38 -13.58 15.20
N CYS B 15 10.54 -12.71 14.64
CA CYS B 15 10.88 -11.61 13.73
C CYS B 15 9.79 -10.55 13.87
N LYS B 16 10.12 -9.38 14.41
CA LYS B 16 9.16 -8.25 14.48
C LYS B 16 8.53 -8.08 13.10
N ASP B 17 7.20 -7.89 13.07
CA ASP B 17 6.44 -7.59 11.83
C ASP B 17 6.71 -6.12 11.45
N GLN B 18 6.06 -5.61 10.39
CA GLN B 18 6.37 -4.28 9.81
C GLN B 18 5.97 -3.19 10.82
N ASP B 19 5.07 -3.49 11.76
CA ASP B 19 4.67 -2.53 12.83
C ASP B 19 5.67 -2.57 14.01
N GLY B 20 6.69 -3.44 13.98
CA GLY B 20 7.74 -3.55 15.02
C GLY B 20 7.28 -4.41 16.19
N LYS B 21 6.21 -5.19 16.00
CA LYS B 21 5.48 -5.97 17.02
C LYS B 21 5.81 -7.47 16.96
N ILE B 22 5.73 -8.13 18.11
CA ILE B 22 5.89 -9.61 18.26
C ILE B 22 4.49 -10.20 18.46
N GLY B 23 3.63 -9.49 19.19
CA GLY B 23 2.31 -9.96 19.63
C GLY B 23 2.36 -10.75 20.96
N LEU B 24 3.20 -10.34 21.92
CA LEU B 24 3.32 -11.03 23.22
C LEU B 24 3.09 -10.06 24.34
N ARG B 25 2.53 -10.57 25.42
CA ARG B 25 2.68 -9.92 26.75
C ARG B 25 3.28 -10.95 27.69
N LEU B 26 4.29 -10.53 28.44
CA LEU B 26 5.08 -11.31 29.40
C LEU B 26 4.73 -10.83 30.81
N LYS B 27 4.74 -11.76 31.79
CA LYS B 27 4.53 -11.50 33.21
C LYS B 27 5.55 -12.29 34.04
N SER B 28 6.15 -11.57 34.99
CA SER B 28 6.95 -12.08 36.13
C SER B 28 6.08 -12.93 37.07
N ILE B 29 6.39 -14.22 37.20
CA ILE B 29 5.81 -15.22 38.15
C ILE B 29 6.94 -16.05 38.79
N ASP B 30 7.15 -15.90 40.08
CA ASP B 30 8.01 -16.78 40.91
C ASP B 30 9.44 -16.62 40.38
N ASN B 31 9.81 -15.39 39.98
CA ASN B 31 11.12 -15.03 39.39
C ASN B 31 11.36 -15.74 38.05
N GLY B 32 10.30 -16.18 37.39
CA GLY B 32 10.35 -16.49 35.96
C GLY B 32 9.56 -15.46 35.17
N ILE B 33 9.53 -15.66 33.86
CA ILE B 33 8.75 -14.88 32.87
C ILE B 33 7.86 -15.87 32.12
N PHE B 34 6.58 -15.57 32.07
CA PHE B 34 5.57 -16.40 31.38
C PHE B 34 4.79 -15.52 30.40
N VAL B 35 4.20 -16.18 29.40
CA VAL B 35 3.37 -15.51 28.36
C VAL B 35 1.97 -15.32 28.93
N GLN B 36 1.50 -14.08 29.08
CA GLN B 36 0.10 -13.83 29.54
C GLN B 36 -0.84 -13.52 28.37
N LEU B 37 -0.29 -13.21 27.19
CA LEU B 37 -1.08 -12.97 25.95
C LEU B 37 -0.21 -13.27 24.72
N VAL B 38 -0.77 -14.06 23.83
CA VAL B 38 -0.32 -14.13 22.40
C VAL B 38 -1.42 -13.46 21.54
N GLN B 39 -1.02 -12.54 20.67
CA GLN B 39 -1.95 -11.87 19.71
C GLN B 39 -2.26 -12.79 18.54
N ALA B 40 -3.54 -12.94 18.19
CA ALA B 40 -4.00 -13.57 16.94
C ALA B 40 -3.23 -12.99 15.73
N ASN B 41 -2.70 -13.82 14.83
CA ASN B 41 -1.99 -13.41 13.58
C ASN B 41 -0.85 -12.42 13.89
N SER B 42 0.05 -12.80 14.78
CA SER B 42 1.26 -12.04 15.14
C SER B 42 2.43 -12.94 14.80
N PRO B 43 3.69 -12.48 14.81
CA PRO B 43 4.81 -13.42 14.74
C PRO B 43 4.69 -14.49 15.84
N ALA B 44 4.39 -14.11 17.08
CA ALA B 44 4.30 -15.06 18.23
C ALA B 44 3.26 -16.14 17.93
N SER B 45 2.06 -15.81 17.46
CA SER B 45 1.05 -16.83 17.07
C SER B 45 1.56 -17.63 15.88
N LEU B 46 2.28 -17.03 14.94
CA LEU B 46 2.77 -17.80 13.76
C LEU B 46 3.82 -18.82 14.19
N VAL B 47 4.77 -18.49 15.07
CA VAL B 47 5.84 -19.46 15.47
C VAL B 47 5.34 -20.39 16.59
N GLY B 48 4.07 -20.33 16.99
CA GLY B 48 3.54 -21.35 17.91
C GLY B 48 3.80 -21.05 19.38
N LEU B 49 4.10 -19.81 19.76
CA LEU B 49 4.11 -19.44 21.22
C LEU B 49 2.68 -19.51 21.79
N ARG B 50 2.57 -19.77 23.09
CA ARG B 50 1.28 -20.08 23.76
C ARG B 50 1.23 -19.45 25.16
N PHE B 51 0.04 -18.97 25.49
CA PHE B 51 -0.33 -18.67 26.87
C PHE B 51 0.22 -19.77 27.79
N GLY B 52 0.96 -19.34 28.79
CA GLY B 52 1.47 -20.22 29.84
C GLY B 52 2.92 -20.60 29.60
N ASP B 53 3.44 -20.42 28.36
CA ASP B 53 4.84 -20.79 28.02
C ASP B 53 5.74 -20.00 28.98
N GLN B 54 6.81 -20.63 29.45
CA GLN B 54 7.87 -19.95 30.19
C GLN B 54 8.93 -19.52 29.18
N VAL B 55 9.43 -18.31 29.34
CA VAL B 55 10.61 -17.86 28.56
C VAL B 55 11.82 -17.86 29.49
N LEU B 56 12.78 -18.73 29.20
CA LEU B 56 14.05 -18.91 29.97
C LEU B 56 15.04 -17.86 29.52
N GLN B 57 15.12 -17.68 28.22
CA GLN B 57 16.08 -16.72 27.62
C GLN B 57 15.49 -16.02 26.40
N ILE B 58 15.97 -14.80 26.21
CA ILE B 58 15.70 -13.96 25.01
C ILE B 58 17.04 -13.54 24.47
N ASN B 59 17.33 -13.93 23.23
CA ASN B 59 18.63 -13.62 22.60
C ASN B 59 19.73 -14.08 23.54
N GLY B 60 19.59 -15.25 24.19
CA GLY B 60 20.67 -15.84 25.00
C GLY B 60 20.86 -15.12 26.34
N GLU B 61 19.99 -14.17 26.69
CA GLU B 61 20.00 -13.58 28.05
C GLU B 61 18.95 -14.30 28.90
N ASN B 62 19.31 -14.59 30.17
CA ASN B 62 18.43 -15.32 31.12
C ASN B 62 17.35 -14.36 31.65
N CYS B 63 16.11 -14.79 31.62
CA CYS B 63 14.95 -13.98 32.07
C CYS B 63 14.79 -14.04 33.59
N ALA B 64 15.55 -14.89 34.28
CA ALA B 64 15.44 -15.14 35.72
C ALA B 64 15.54 -13.83 36.49
N GLY B 65 14.54 -13.54 37.35
CA GLY B 65 14.48 -12.33 38.19
C GLY B 65 13.98 -11.10 37.44
N TRP B 66 13.68 -11.17 36.14
CA TRP B 66 13.25 -9.95 35.40
C TRP B 66 11.84 -9.56 35.81
N SER B 67 11.60 -8.25 36.01
CA SER B 67 10.22 -7.67 36.10
C SER B 67 9.54 -7.78 34.75
N SER B 68 8.22 -7.73 34.72
CA SER B 68 7.41 -7.65 33.49
C SER B 68 7.85 -6.44 32.67
N ASP B 69 8.17 -5.32 33.32
CA ASP B 69 8.67 -4.10 32.63
C ASP B 69 10.00 -4.42 31.93
N LYS B 70 10.97 -5.04 32.63
CA LYS B 70 12.28 -5.31 31.99
C LYS B 70 12.12 -6.21 30.75
N ALA B 71 11.24 -7.22 30.80
CA ALA B 71 11.10 -8.15 29.66
C ALA B 71 10.48 -7.41 28.46
N HIS B 72 9.43 -6.63 28.68
CA HIS B 72 8.74 -5.81 27.66
C HIS B 72 9.71 -4.81 27.06
N LYS B 73 10.52 -4.20 27.92
CA LYS B 73 11.62 -3.33 27.48
C LYS B 73 12.59 -4.14 26.63
N VAL B 74 12.92 -5.37 27.01
CA VAL B 74 13.93 -6.12 26.21
C VAL B 74 13.32 -6.40 24.82
N LEU B 75 12.02 -6.65 24.74
CA LEU B 75 11.37 -6.97 23.45
C LEU B 75 11.24 -5.70 22.58
N LYS B 76 10.88 -4.58 23.20
CA LYS B 76 10.85 -3.24 22.56
C LYS B 76 12.22 -2.98 21.91
N GLN B 77 13.33 -3.33 22.57
CA GLN B 77 14.70 -2.89 22.18
C GLN B 77 15.39 -3.86 21.23
N ALA B 78 14.77 -4.99 20.94
CA ALA B 78 15.37 -6.08 20.12
C ALA B 78 15.36 -5.77 18.61
N PHE B 79 16.48 -5.81 17.89
CA PHE B 79 16.51 -5.88 16.40
C PHE B 79 15.48 -6.91 15.91
N GLY B 80 14.65 -6.56 14.93
CA GLY B 80 13.46 -7.38 14.60
C GLY B 80 13.79 -8.56 13.69
N GLU B 81 15.04 -8.68 13.23
CA GLU B 81 15.39 -9.69 12.20
C GLU B 81 15.28 -11.10 12.80
N LYS B 82 16.03 -11.36 13.87
CA LYS B 82 16.00 -12.69 14.55
C LYS B 82 15.99 -12.48 16.08
N ILE B 83 14.91 -12.92 16.69
CA ILE B 83 14.77 -12.93 18.16
C ILE B 83 14.74 -14.42 18.53
N THR B 84 15.73 -14.84 19.30
CA THR B 84 15.75 -16.25 19.77
C THR B 84 15.13 -16.27 21.15
N MET B 85 14.13 -17.12 21.31
CA MET B 85 13.63 -17.44 22.67
C MET B 85 13.87 -18.92 22.99
N THR B 86 14.37 -19.16 24.19
CA THR B 86 14.32 -20.49 24.81
C THR B 86 13.06 -20.64 25.64
N ILE B 87 12.28 -21.65 25.34
CA ILE B 87 10.92 -21.82 25.87
C ILE B 87 10.83 -23.13 26.66
N ARG B 88 10.15 -23.12 27.81
CA ARG B 88 9.59 -24.33 28.43
C ARG B 88 8.08 -24.31 28.21
N ASP B 89 7.56 -25.42 27.67
CA ASP B 89 6.17 -25.56 27.24
C ASP B 89 5.25 -25.53 28.47
N ARG B 90 4.34 -24.54 28.50
CA ARG B 90 3.22 -24.40 29.46
C ARG B 90 3.47 -25.15 30.78
N PRO B 91 4.50 -24.82 31.57
CA PRO B 91 4.89 -25.62 32.74
C PRO B 91 3.86 -25.70 33.87
N PHE B 92 2.97 -24.73 33.96
CA PHE B 92 1.93 -24.71 35.02
C PHE B 92 0.69 -25.43 34.52
N GLU B 93 0.72 -26.00 33.34
CA GLU B 93 -0.50 -26.64 32.81
C GLU B 93 -0.28 -28.13 32.58
N ARG B 94 -1.38 -28.84 32.44
CA ARG B 94 -1.44 -30.27 32.13
C ARG B 94 -2.61 -30.47 31.20
N THR B 95 -2.63 -31.58 30.48
CA THR B 95 -3.78 -31.86 29.61
C THR B 95 -4.43 -33.14 30.04
N ILE B 96 -5.73 -33.23 29.89
CA ILE B 96 -6.50 -34.41 30.31
C ILE B 96 -7.31 -34.76 29.07
N THR B 97 -7.37 -36.05 28.72
CA THR B 97 -8.10 -36.55 27.54
C THR B 97 -9.34 -37.29 28.06
N MET B 98 -10.50 -36.92 27.54
CA MET B 98 -11.78 -37.53 27.91
C MET B 98 -12.56 -37.94 26.66
N HIS B 99 -13.59 -38.75 26.87
CA HIS B 99 -14.51 -39.28 25.83
C HIS B 99 -15.93 -38.86 26.17
N LYS B 100 -16.59 -38.15 25.25
CA LYS B 100 -18.00 -37.77 25.39
C LYS B 100 -18.79 -39.05 25.54
N ASP B 101 -19.77 -39.08 26.41
CA ASP B 101 -20.68 -40.24 26.53
C ASP B 101 -21.77 -40.07 25.46
N SER B 102 -22.82 -40.90 25.51
CA SER B 102 -23.87 -40.96 24.47
C SER B 102 -24.63 -39.63 24.41
N THR B 103 -24.58 -38.79 25.46
CA THR B 103 -25.28 -37.48 25.54
C THR B 103 -24.36 -36.36 25.04
N GLY B 104 -23.10 -36.67 24.74
CA GLY B 104 -22.12 -35.66 24.31
C GLY B 104 -21.46 -34.92 25.46
N HIS B 105 -21.52 -35.42 26.71
CA HIS B 105 -20.88 -34.79 27.90
C HIS B 105 -19.61 -35.54 28.31
N VAL B 106 -18.62 -34.79 28.79
CA VAL B 106 -17.38 -35.37 29.38
C VAL B 106 -17.50 -35.45 30.90
N GLY B 107 -18.28 -34.55 31.52
CA GLY B 107 -18.77 -34.72 32.89
C GLY B 107 -18.23 -33.67 33.86
N PHE B 108 -18.27 -32.38 33.52
CA PHE B 108 -17.99 -31.34 34.54
C PHE B 108 -18.94 -30.13 34.41
N ILE B 109 -18.87 -29.33 35.45
CA ILE B 109 -19.52 -28.01 35.54
C ILE B 109 -18.39 -27.00 35.65
N PHE B 110 -18.57 -25.86 34.98
CA PHE B 110 -17.60 -24.75 35.07
C PHE B 110 -18.35 -23.45 35.04
N LYS B 111 -17.68 -22.39 35.48
CA LYS B 111 -18.18 -21.00 35.56
C LYS B 111 -17.00 -20.05 35.40
N ASN B 112 -17.15 -19.00 34.64
CA ASN B 112 -16.04 -18.10 34.18
C ASN B 112 -14.82 -18.96 33.82
N GLY B 113 -15.01 -20.01 33.03
CA GLY B 113 -13.88 -20.82 32.57
C GLY B 113 -13.23 -21.63 33.70
N LYS B 114 -13.78 -21.66 34.91
CA LYS B 114 -13.16 -22.42 36.04
C LYS B 114 -14.02 -23.66 36.35
N ILE B 115 -13.41 -24.83 36.30
CA ILE B 115 -14.08 -26.15 36.63
C ILE B 115 -14.48 -26.12 38.08
N THR B 116 -15.77 -26.36 38.37
CA THR B 116 -16.28 -26.24 39.76
C THR B 116 -16.86 -27.57 40.23
N SER B 117 -17.22 -28.47 39.36
CA SER B 117 -17.67 -29.78 39.86
C SER B 117 -17.40 -30.87 38.80
N ILE B 118 -17.19 -32.11 39.27
CA ILE B 118 -16.90 -33.29 38.45
C ILE B 118 -18.12 -34.19 38.55
N VAL B 119 -18.71 -34.58 37.42
CA VAL B 119 -19.93 -35.42 37.47
C VAL B 119 -19.49 -36.84 37.78
N LYS B 120 -20.18 -37.46 38.72
CA LYS B 120 -20.13 -38.90 39.11
C LYS B 120 -20.10 -39.80 37.86
N ASP B 121 -19.18 -40.77 37.80
CA ASP B 121 -19.21 -41.86 36.78
C ASP B 121 -19.09 -41.30 35.36
N SER B 122 -18.41 -40.18 35.18
CA SER B 122 -18.13 -39.52 33.88
C SER B 122 -16.71 -39.81 33.40
N SER B 123 -16.43 -39.52 32.13
CA SER B 123 -15.05 -39.57 31.60
C SER B 123 -14.18 -38.61 32.43
N ALA B 124 -14.71 -37.45 32.81
CA ALA B 124 -13.94 -36.46 33.61
C ALA B 124 -13.51 -37.06 34.96
N ALA B 125 -14.41 -37.81 35.60
CA ALA B 125 -14.11 -38.57 36.84
C ALA B 125 -13.07 -39.69 36.57
N ARG B 126 -13.28 -40.55 35.59
CA ARG B 126 -12.33 -41.67 35.30
C ARG B 126 -10.93 -41.09 35.04
N ASN B 127 -10.84 -39.91 34.40
CA ASN B 127 -9.54 -39.29 34.01
C ASN B 127 -8.97 -38.30 35.04
N GLY B 128 -9.58 -38.11 36.24
CA GLY B 128 -8.98 -37.28 37.32
C GLY B 128 -9.05 -35.79 37.06
N LEU B 129 -10.10 -35.29 36.41
CA LEU B 129 -10.22 -33.84 36.15
C LEU B 129 -10.40 -33.25 37.54
N LEU B 130 -9.76 -32.12 37.80
CA LEU B 130 -9.75 -31.44 39.09
C LEU B 130 -10.63 -30.18 39.02
N THR B 131 -11.17 -29.77 40.16
CA THR B 131 -11.92 -28.51 40.24
C THR B 131 -10.93 -27.41 40.54
N GLU B 132 -11.39 -26.18 40.59
CA GLU B 132 -10.52 -25.03 40.98
C GLU B 132 -9.34 -24.96 40.02
N HIS B 133 -9.60 -25.33 38.76
CA HIS B 133 -8.66 -25.19 37.63
C HIS B 133 -9.34 -24.40 36.50
N ASN B 134 -8.64 -23.43 35.94
CA ASN B 134 -9.08 -22.70 34.73
C ASN B 134 -8.85 -23.54 33.50
N ILE B 135 -9.85 -23.60 32.64
CA ILE B 135 -9.72 -24.14 31.27
C ILE B 135 -8.85 -23.22 30.41
N CYS B 136 -7.66 -23.63 29.96
CA CYS B 136 -6.80 -22.81 29.05
C CYS B 136 -6.98 -23.20 27.58
N GLU B 137 -7.05 -24.49 27.28
CA GLU B 137 -7.22 -24.90 25.88
C GLU B 137 -8.22 -26.03 25.82
N ILE B 138 -8.89 -26.15 24.68
CA ILE B 138 -9.68 -27.35 24.28
C ILE B 138 -9.13 -27.85 22.96
N ASN B 139 -8.71 -29.12 22.88
CA ASN B 139 -8.07 -29.68 21.67
C ASN B 139 -6.98 -28.72 21.18
N GLY B 140 -6.26 -28.11 22.11
CA GLY B 140 -5.08 -27.28 21.78
C GLY B 140 -5.44 -25.85 21.40
N GLN B 141 -6.73 -25.53 21.32
CA GLN B 141 -7.23 -24.17 21.01
C GLN B 141 -7.38 -23.39 22.31
N ASN B 142 -6.65 -22.28 22.44
CA ASN B 142 -6.78 -21.29 23.51
C ASN B 142 -8.22 -20.73 23.54
N VAL B 143 -8.89 -20.83 24.69
CA VAL B 143 -10.28 -20.38 24.94
C VAL B 143 -10.28 -19.33 26.05
N ILE B 144 -9.13 -18.72 26.30
CA ILE B 144 -8.97 -17.77 27.42
C ILE B 144 -9.57 -16.42 27.04
N GLY B 145 -10.47 -15.92 27.88
CA GLY B 145 -11.20 -14.67 27.65
C GLY B 145 -12.50 -14.93 26.90
N LEU B 146 -12.76 -16.15 26.41
CA LEU B 146 -14.04 -16.52 25.77
C LEU B 146 -15.14 -16.63 26.83
N LYS B 147 -16.39 -16.41 26.46
CA LYS B 147 -17.53 -16.57 27.40
C LYS B 147 -17.84 -18.05 27.58
N ASP B 148 -18.49 -18.39 28.68
CA ASP B 148 -18.83 -19.78 29.04
C ASP B 148 -19.61 -20.41 27.88
N SER B 149 -20.43 -19.69 27.19
CA SER B 149 -21.28 -20.30 26.12
C SER B 149 -20.39 -20.63 24.92
N GLN B 150 -19.40 -19.79 24.63
CA GLN B 150 -18.38 -20.01 23.56
C GLN B 150 -17.59 -21.29 23.91
N ILE B 151 -17.03 -21.41 25.12
CA ILE B 151 -16.30 -22.65 25.56
C ILE B 151 -17.26 -23.84 25.40
N ALA B 152 -18.49 -23.70 25.83
CA ALA B 152 -19.52 -24.77 25.75
C ALA B 152 -19.70 -25.17 24.28
N ASP B 153 -19.75 -24.20 23.38
CA ASP B 153 -19.96 -24.46 21.93
C ASP B 153 -18.75 -25.24 21.39
N ILE B 154 -17.55 -24.79 21.69
CA ILE B 154 -16.28 -25.45 21.24
C ILE B 154 -16.25 -26.90 21.74
N LEU B 155 -16.68 -27.15 22.99
CA LEU B 155 -16.75 -28.53 23.52
C LEU B 155 -17.76 -29.31 22.68
N SER B 156 -18.88 -28.69 22.36
CA SER B 156 -20.00 -29.40 21.67
C SER B 156 -19.59 -29.73 20.23
N THR B 157 -18.89 -28.85 19.54
CA THR B 157 -18.51 -29.05 18.12
C THR B 157 -17.31 -30.00 18.06
N SER B 158 -16.56 -30.11 19.16
CA SER B 158 -15.45 -31.09 19.26
C SER B 158 -15.99 -32.48 18.96
N GLY B 159 -15.12 -33.37 18.50
CA GLY B 159 -15.49 -34.79 18.31
C GLY B 159 -15.52 -35.50 19.64
N THR B 160 -15.75 -36.81 19.64
CA THR B 160 -15.89 -37.63 20.88
C THR B 160 -14.65 -37.45 21.76
N VAL B 161 -13.48 -37.45 21.17
CA VAL B 161 -12.23 -37.35 21.97
C VAL B 161 -11.99 -35.86 22.21
N VAL B 162 -11.92 -35.45 23.48
CA VAL B 162 -11.72 -34.04 23.89
C VAL B 162 -10.51 -33.97 24.83
N THR B 163 -9.61 -33.06 24.56
CA THR B 163 -8.42 -32.84 25.37
C THR B 163 -8.59 -31.45 25.97
N ILE B 164 -8.50 -31.34 27.29
CA ILE B 164 -8.56 -30.03 28.00
C ILE B 164 -7.19 -29.80 28.65
N THR B 165 -6.69 -28.59 28.52
CA THR B 165 -5.44 -28.10 29.11
C THR B 165 -5.90 -27.23 30.30
N ILE B 166 -5.47 -27.56 31.53
CA ILE B 166 -5.99 -26.84 32.72
C ILE B 166 -4.83 -26.25 33.48
N MET B 167 -5.11 -25.24 34.29
CA MET B 167 -4.08 -24.57 35.14
C MET B 167 -4.75 -24.36 36.50
N PRO B 168 -4.05 -24.60 37.64
CA PRO B 168 -4.61 -24.25 38.97
C PRO B 168 -5.05 -22.78 38.99
N ALA B 169 -6.24 -22.54 39.55
CA ALA B 169 -6.87 -21.21 39.50
C ALA B 169 -5.96 -20.13 40.06
N PHE B 170 -5.30 -20.39 41.18
N PHE B 170 -5.35 -20.36 41.22
CA PHE B 170 -4.44 -19.42 41.92
CA PHE B 170 -4.45 -19.38 41.90
C PHE B 170 -3.28 -19.00 41.03
C PHE B 170 -3.40 -18.94 40.88
N ILE B 171 -2.80 -19.88 40.15
CA ILE B 171 -1.72 -19.54 39.19
C ILE B 171 -2.33 -18.74 38.04
N PHE B 172 -3.45 -19.19 37.50
CA PHE B 172 -4.17 -18.53 36.38
C PHE B 172 -4.47 -17.07 36.75
N GLU B 173 -5.00 -16.88 37.94
CA GLU B 173 -5.33 -15.53 38.42
C GLU B 173 -4.06 -14.68 38.57
N HIS B 174 -2.92 -15.25 38.90
CA HIS B 174 -1.64 -14.48 39.03
C HIS B 174 -1.13 -14.09 37.63
N ILE B 175 -1.19 -15.00 36.69
CA ILE B 175 -0.66 -14.80 35.31
C ILE B 175 -1.43 -13.68 34.60
N ILE B 176 -2.73 -13.51 34.84
CA ILE B 176 -3.55 -12.50 34.09
C ILE B 176 -3.56 -11.12 34.77
N LYS B 177 -2.94 -10.97 35.94
CA LYS B 177 -2.70 -9.64 36.55
C LYS B 177 -1.85 -8.71 35.67
N ARG B 178 -2.03 -7.41 35.86
CA ARG B 178 -1.42 -6.30 35.04
C ARG B 178 -1.81 -6.49 33.58
N MET B 179 -3.03 -6.91 33.29
CA MET B 179 -3.57 -6.98 31.92
C MET B 179 -5.08 -6.69 31.96
N ALA B 180 -5.48 -5.58 31.32
CA ALA B 180 -6.88 -5.13 31.22
C ALA B 180 -7.72 -6.28 30.69
N PRO B 181 -8.76 -6.72 31.42
CA PRO B 181 -9.65 -7.78 30.95
C PRO B 181 -10.11 -7.69 29.48
N SER B 182 -10.03 -6.48 28.89
CA SER B 182 -10.59 -6.13 27.57
C SER B 182 -9.54 -6.39 26.49
N ILE B 183 -8.26 -6.13 26.78
CA ILE B 183 -7.08 -6.60 25.97
C ILE B 183 -7.13 -8.15 25.83
N MET B 184 -7.26 -8.84 26.96
CA MET B 184 -7.31 -10.32 27.05
C MET B 184 -8.51 -10.87 26.25
N LYS B 185 -9.68 -10.25 26.32
CA LYS B 185 -10.90 -10.72 25.60
C LYS B 185 -10.77 -10.40 24.10
N SER B 186 -10.07 -9.34 23.75
CA SER B 186 -10.17 -8.83 22.37
C SER B 186 -8.96 -9.28 21.56
N LEU B 187 -7.78 -9.45 22.20
CA LEU B 187 -6.51 -9.71 21.49
C LEU B 187 -6.10 -11.19 21.58
N MET B 188 -6.58 -11.96 22.56
CA MET B 188 -6.06 -13.33 22.77
C MET B 188 -6.21 -14.15 21.47
N ASP B 189 -5.14 -14.84 21.10
CA ASP B 189 -5.13 -15.85 20.02
C ASP B 189 -6.10 -16.99 20.34
N HIS B 190 -6.92 -17.43 19.38
CA HIS B 190 -7.92 -18.53 19.46
C HIS B 190 -7.81 -19.37 18.20
N THR B 191 -6.70 -19.30 17.50
CA THR B 191 -6.44 -20.16 16.31
C THR B 191 -6.60 -21.64 16.60
N ILE B 192 -7.03 -22.38 15.62
CA ILE B 192 -7.04 -23.86 15.67
C ILE B 192 -5.63 -24.32 15.29
N PRO B 193 -5.05 -25.20 16.14
CA PRO B 193 -3.75 -25.80 15.87
C PRO B 193 -3.65 -26.30 14.43
N GLU B 194 -2.59 -25.92 13.75
CA GLU B 194 -2.31 -26.29 12.33
C GLU B 194 -1.24 -27.38 12.31
N VAL B 195 -1.18 -28.21 11.27
CA VAL B 195 -0.01 -29.09 11.05
C VAL B 195 0.74 -28.58 9.81
N ALA C 3 18.19 14.92 -20.60
CA ALA C 3 17.50 13.97 -19.66
C ALA C 3 18.33 13.83 -18.38
N GLU C 4 19.43 13.07 -18.45
CA GLU C 4 20.23 12.56 -17.30
C GLU C 4 20.65 13.72 -16.39
N ILE C 5 20.52 13.55 -15.07
CA ILE C 5 20.77 14.59 -14.02
C ILE C 5 22.28 14.79 -13.84
N LYS C 6 22.83 15.84 -14.47
CA LYS C 6 24.28 16.17 -14.44
C LYS C 6 24.56 17.01 -13.18
N GLN C 7 25.26 16.38 -12.23
CA GLN C 7 25.30 16.69 -10.77
C GLN C 7 26.38 17.75 -10.44
N GLY C 8 26.28 18.35 -9.26
CA GLY C 8 26.99 19.58 -8.92
C GLY C 8 26.30 20.80 -9.55
N ILE C 9 27.09 21.87 -9.57
CA ILE C 9 26.68 23.28 -9.61
C ILE C 9 27.24 23.87 -10.92
N ARG C 10 26.45 24.62 -11.66
CA ARG C 10 27.00 25.35 -12.84
C ARG C 10 26.58 26.81 -12.74
N GLU C 11 27.29 27.70 -13.44
CA GLU C 11 26.93 29.13 -13.55
C GLU C 11 26.13 29.31 -14.85
N VAL C 12 25.07 30.11 -14.87
CA VAL C 12 24.48 30.55 -16.17
C VAL C 12 24.50 32.08 -16.26
N ILE C 13 24.70 32.58 -17.49
CA ILE C 13 24.68 34.03 -17.84
C ILE C 13 23.46 34.27 -18.75
N LEU C 14 22.57 35.19 -18.36
CA LEU C 14 21.31 35.50 -19.11
C LEU C 14 21.28 36.99 -19.39
N CYS C 15 20.54 37.37 -20.44
CA CYS C 15 20.14 38.77 -20.66
C CYS C 15 18.63 38.83 -20.72
N LYS C 16 18.04 39.88 -20.15
CA LYS C 16 16.60 40.19 -20.35
C LYS C 16 16.31 40.29 -21.85
N ASP C 17 15.15 39.78 -22.27
CA ASP C 17 14.75 39.92 -23.69
C ASP C 17 14.19 41.32 -23.94
N GLN C 18 13.70 41.51 -25.16
CA GLN C 18 12.96 42.70 -25.64
C GLN C 18 11.98 43.22 -24.59
N ASP C 19 11.19 42.35 -23.96
CA ASP C 19 10.07 42.75 -23.04
C ASP C 19 10.54 42.87 -21.57
N GLY C 20 11.87 42.91 -21.30
CA GLY C 20 12.50 42.93 -19.94
C GLY C 20 12.27 41.66 -19.12
N LYS C 21 12.06 40.51 -19.78
CA LYS C 21 11.73 39.19 -19.18
C LYS C 21 12.90 38.21 -19.41
N ILE C 22 13.12 37.26 -18.48
CA ILE C 22 14.01 36.08 -18.71
C ILE C 22 13.16 34.83 -18.88
N GLY C 23 11.90 34.83 -18.44
CA GLY C 23 10.94 33.75 -18.69
C GLY C 23 11.01 32.65 -17.63
N LEU C 24 10.93 33.06 -16.35
CA LEU C 24 11.03 32.18 -15.15
C LEU C 24 9.93 32.47 -14.16
N ARG C 25 9.43 31.42 -13.53
CA ARG C 25 8.77 31.54 -12.19
C ARG C 25 9.62 30.75 -11.19
N LEU C 26 9.87 31.37 -10.03
CA LEU C 26 10.67 30.81 -8.92
C LEU C 26 9.80 30.57 -7.69
N LYS C 27 10.15 29.55 -6.87
CA LYS C 27 9.37 29.06 -5.71
C LYS C 27 10.32 28.73 -4.55
N SER C 28 9.95 29.21 -3.36
CA SER C 28 10.62 28.96 -2.08
C SER C 28 10.24 27.55 -1.66
N ILE C 29 11.24 26.68 -1.46
CA ILE C 29 11.07 25.27 -1.01
C ILE C 29 12.18 24.99 0.00
N ASP C 30 11.85 24.72 1.26
CA ASP C 30 12.80 24.24 2.29
C ASP C 30 13.95 25.24 2.40
N ASN C 31 13.65 26.51 2.30
CA ASN C 31 14.62 27.65 2.42
C ASN C 31 15.63 27.71 1.27
N GLY C 32 15.29 27.06 0.17
CA GLY C 32 15.95 27.33 -1.11
C GLY C 32 15.00 27.96 -2.12
N ILE C 33 15.51 28.17 -3.31
CA ILE C 33 14.74 28.71 -4.46
C ILE C 33 14.84 27.74 -5.62
N PHE C 34 13.69 27.37 -6.15
CA PHE C 34 13.52 26.39 -7.25
C PHE C 34 12.73 27.02 -8.41
N VAL C 35 13.07 26.60 -9.63
CA VAL C 35 12.32 26.88 -10.89
C VAL C 35 10.98 26.12 -10.87
N GLN C 36 9.85 26.82 -10.84
CA GLN C 36 8.52 26.18 -10.98
C GLN C 36 7.99 26.36 -12.39
N LEU C 37 8.60 27.24 -13.19
CA LEU C 37 8.24 27.30 -14.62
C LEU C 37 9.30 28.03 -15.43
N VAL C 38 9.57 27.47 -16.60
CA VAL C 38 10.44 28.06 -17.66
C VAL C 38 9.51 28.21 -18.85
N GLN C 39 9.42 29.41 -19.46
CA GLN C 39 8.61 29.55 -20.71
C GLN C 39 9.43 29.13 -21.91
N ALA C 40 8.79 28.45 -22.86
CA ALA C 40 9.38 28.18 -24.21
C ALA C 40 9.96 29.46 -24.84
N ASN C 41 11.08 29.34 -25.55
N ASN C 41 11.02 29.28 -25.63
CA ASN C 41 11.65 30.42 -26.40
CA ASN C 41 11.81 30.33 -26.35
C ASN C 41 12.18 31.58 -25.54
C ASN C 41 11.87 31.60 -25.49
N SER C 42 12.22 31.43 -24.22
CA SER C 42 12.63 32.53 -23.28
C SER C 42 14.15 32.49 -23.18
N PRO C 43 14.83 33.55 -22.68
CA PRO C 43 16.26 33.43 -22.39
C PRO C 43 16.62 32.30 -21.42
N ALA C 44 15.75 32.05 -20.42
CA ALA C 44 15.91 31.01 -19.39
C ALA C 44 15.97 29.66 -20.10
N SER C 45 15.03 29.38 -21.02
CA SER C 45 15.01 28.06 -21.72
C SER C 45 16.26 27.95 -22.57
N LEU C 46 16.61 29.02 -23.28
CA LEU C 46 17.70 28.97 -24.27
C LEU C 46 19.01 28.69 -23.54
N VAL C 47 19.19 29.20 -22.32
CA VAL C 47 20.49 29.08 -21.60
C VAL C 47 20.53 27.73 -20.85
N GLY C 48 19.44 26.93 -20.89
CA GLY C 48 19.31 25.55 -20.38
C GLY C 48 18.65 25.37 -18.98
N LEU C 49 18.02 26.38 -18.37
CA LEU C 49 17.24 26.22 -17.11
C LEU C 49 16.02 25.32 -17.33
N ARG C 50 15.70 24.55 -16.30
CA ARG C 50 14.65 23.52 -16.36
C ARG C 50 13.86 23.58 -15.07
N PHE C 51 12.60 23.20 -15.21
CA PHE C 51 11.72 22.95 -14.06
C PHE C 51 12.51 22.14 -13.04
N GLY C 52 12.43 22.52 -11.76
CA GLY C 52 13.03 21.75 -10.66
C GLY C 52 14.49 22.12 -10.39
N ASP C 53 15.11 22.99 -11.19
CA ASP C 53 16.48 23.49 -10.90
C ASP C 53 16.45 24.33 -9.62
N GLN C 54 17.54 24.29 -8.88
CA GLN C 54 17.78 25.07 -7.66
C GLN C 54 18.68 26.22 -8.03
N VAL C 55 18.27 27.43 -7.67
CA VAL C 55 19.06 28.67 -7.79
C VAL C 55 19.71 28.98 -6.43
N LEU C 56 21.03 28.85 -6.35
CA LEU C 56 21.81 29.08 -5.12
C LEU C 56 22.17 30.56 -4.99
N GLN C 57 22.64 31.18 -6.07
CA GLN C 57 23.00 32.61 -6.11
C GLN C 57 22.33 33.27 -7.34
N ILE C 58 22.00 34.54 -7.20
CA ILE C 58 21.64 35.44 -8.32
C ILE C 58 22.59 36.62 -8.22
N ASN C 59 23.40 36.88 -9.25
CA ASN C 59 24.42 37.97 -9.27
C ASN C 59 25.34 37.89 -8.04
N GLY C 60 25.68 36.69 -7.58
CA GLY C 60 26.65 36.43 -6.49
C GLY C 60 26.07 36.64 -5.10
N GLU C 61 24.75 36.73 -4.97
CA GLU C 61 24.06 36.83 -3.65
C GLU C 61 23.36 35.49 -3.43
N ASN C 62 23.40 34.98 -2.18
CA ASN C 62 22.80 33.69 -1.79
C ASN C 62 21.28 33.80 -1.83
N CYS C 63 20.60 32.80 -2.37
CA CYS C 63 19.11 32.73 -2.37
C CYS C 63 18.58 32.10 -1.08
N ALA C 64 19.44 31.53 -0.24
CA ALA C 64 19.04 30.86 1.02
C ALA C 64 18.06 31.76 1.78
N GLY C 65 16.86 31.23 2.04
CA GLY C 65 15.87 31.84 2.93
C GLY C 65 15.03 32.92 2.26
N TRP C 66 15.20 33.16 0.95
CA TRP C 66 14.43 34.18 0.21
C TRP C 66 13.02 33.64 0.00
N SER C 67 12.02 34.48 0.19
CA SER C 67 10.65 34.24 -0.32
C SER C 67 10.66 34.22 -1.85
N SER C 68 9.73 33.51 -2.44
CA SER C 68 9.39 33.57 -3.87
C SER C 68 9.30 35.06 -4.31
N ASP C 69 8.51 35.86 -3.57
CA ASP C 69 8.34 37.32 -3.74
C ASP C 69 9.70 38.01 -3.85
N LYS C 70 10.62 37.73 -2.94
CA LYS C 70 11.92 38.44 -2.91
C LYS C 70 12.74 38.04 -4.13
N ALA C 71 12.70 36.75 -4.50
CA ALA C 71 13.43 36.22 -5.68
C ALA C 71 12.95 36.95 -6.95
N HIS C 72 11.63 37.13 -7.12
CA HIS C 72 11.03 37.85 -8.28
C HIS C 72 11.44 39.32 -8.21
N LYS C 73 11.33 39.97 -7.06
CA LYS C 73 11.70 41.40 -6.93
C LYS C 73 13.17 41.59 -7.35
N VAL C 74 14.08 40.74 -6.88
CA VAL C 74 15.52 40.87 -7.22
C VAL C 74 15.70 40.76 -8.75
N LEU C 75 15.07 39.78 -9.35
CA LEU C 75 15.27 39.59 -10.81
C LEU C 75 14.64 40.80 -11.56
N LYS C 76 13.37 41.13 -11.27
CA LYS C 76 12.67 42.35 -11.77
C LYS C 76 13.62 43.56 -11.69
N GLN C 77 14.38 43.72 -10.60
CA GLN C 77 15.22 44.93 -10.38
C GLN C 77 16.60 44.85 -11.02
N ALA C 78 16.98 43.69 -11.56
CA ALA C 78 18.34 43.43 -12.07
C ALA C 78 18.51 44.11 -13.44
N PHE C 79 19.48 45.02 -13.53
CA PHE C 79 19.80 45.79 -14.77
C PHE C 79 21.29 46.05 -14.79
N GLY C 80 22.10 45.00 -14.92
CA GLY C 80 23.50 45.13 -15.37
C GLY C 80 23.52 44.92 -16.86
N GLU C 81 24.60 44.40 -17.43
CA GLU C 81 24.61 43.91 -18.83
C GLU C 81 24.09 42.45 -18.84
N LYS C 82 24.38 41.69 -17.79
CA LYS C 82 24.01 40.26 -17.71
C LYS C 82 23.52 39.95 -16.30
N ILE C 83 22.65 38.95 -16.17
CA ILE C 83 22.27 38.30 -14.88
C ILE C 83 23.07 36.99 -14.81
N THR C 84 23.75 36.74 -13.69
CA THR C 84 24.44 35.45 -13.38
C THR C 84 23.61 34.69 -12.35
N MET C 85 23.43 33.40 -12.57
CA MET C 85 22.79 32.47 -11.60
C MET C 85 23.70 31.26 -11.40
N THR C 86 23.83 30.82 -10.16
CA THR C 86 24.45 29.51 -9.82
C THR C 86 23.32 28.51 -9.57
N ILE C 87 23.37 27.40 -10.29
CA ILE C 87 22.29 26.40 -10.42
C ILE C 87 22.80 25.06 -9.91
N ARG C 88 21.99 24.37 -9.11
CA ARG C 88 22.16 22.91 -8.94
C ARG C 88 21.05 22.25 -9.75
N ASP C 89 21.43 21.24 -10.49
CA ASP C 89 20.62 20.54 -11.49
C ASP C 89 19.57 19.68 -10.80
N ARG C 90 18.31 19.95 -11.11
CA ARG C 90 17.08 19.21 -10.76
C ARG C 90 17.24 18.33 -9.50
N PRO C 91 17.58 18.91 -8.32
CA PRO C 91 18.03 18.15 -7.14
C PRO C 91 16.96 17.22 -6.53
N PHE C 92 15.68 17.50 -6.74
CA PHE C 92 14.58 16.65 -6.23
C PHE C 92 14.25 15.58 -7.24
N GLU C 93 15.02 15.46 -8.34
CA GLU C 93 14.61 14.53 -9.41
C GLU C 93 15.66 13.46 -9.67
N ARG C 94 15.20 12.36 -10.27
N ARG C 94 15.22 12.34 -10.24
CA ARG C 94 16.03 11.21 -10.71
CA ARG C 94 16.12 11.26 -10.74
C ARG C 94 15.50 10.72 -12.06
C ARG C 94 15.52 10.69 -12.02
N THR C 95 16.36 10.13 -12.89
CA THR C 95 15.96 9.55 -14.21
C THR C 95 16.07 8.02 -14.16
N ILE C 96 15.09 7.31 -14.64
CA ILE C 96 15.07 5.83 -14.68
C ILE C 96 15.05 5.48 -16.16
N THR C 97 15.87 4.52 -16.57
CA THR C 97 15.87 4.01 -17.96
C THR C 97 15.21 2.64 -18.02
N MET C 98 14.27 2.53 -18.94
CA MET C 98 13.49 1.31 -19.21
C MET C 98 13.54 0.97 -20.70
N HIS C 99 13.25 -0.30 -21.00
CA HIS C 99 13.21 -0.90 -22.35
C HIS C 99 11.78 -1.42 -22.54
N LYS C 100 11.12 -1.13 -23.66
CA LYS C 100 9.72 -1.61 -23.84
C LYS C 100 9.74 -3.13 -24.07
N ASP C 101 8.67 -3.81 -23.68
CA ASP C 101 8.42 -5.22 -24.04
C ASP C 101 8.13 -5.29 -25.53
N SER C 102 7.71 -6.44 -26.03
CA SER C 102 7.50 -6.64 -27.49
C SER C 102 6.24 -5.88 -27.91
N THR C 103 5.20 -5.86 -27.08
CA THR C 103 3.96 -5.10 -27.36
C THR C 103 4.19 -3.58 -27.17
N GLY C 104 5.38 -3.12 -26.75
CA GLY C 104 5.67 -1.67 -26.67
C GLY C 104 5.21 -1.00 -25.38
N HIS C 105 4.99 -1.73 -24.29
CA HIS C 105 4.73 -1.18 -22.93
C HIS C 105 6.04 -1.14 -22.12
N VAL C 106 6.27 -0.06 -21.37
CA VAL C 106 7.38 0.12 -20.37
C VAL C 106 7.06 -0.63 -19.07
N GLY C 107 5.76 -0.61 -18.69
CA GLY C 107 5.16 -1.36 -17.58
C GLY C 107 4.72 -0.47 -16.42
N PHE C 108 4.01 0.64 -16.68
CA PHE C 108 3.38 1.43 -15.59
C PHE C 108 2.09 2.13 -16.03
N ILE C 109 1.27 2.48 -15.04
CA ILE C 109 0.02 3.25 -15.12
C ILE C 109 0.28 4.60 -14.43
N PHE C 110 -0.31 5.65 -14.99
CA PHE C 110 -0.28 7.02 -14.42
C PHE C 110 -1.65 7.71 -14.63
N LYS C 111 -1.84 8.79 -13.87
CA LYS C 111 -3.05 9.63 -13.85
C LYS C 111 -2.57 11.02 -13.43
N ASN C 112 -2.89 12.06 -14.18
CA ASN C 112 -2.40 13.45 -13.95
C ASN C 112 -0.87 13.45 -13.85
N GLY C 113 -0.19 12.66 -14.69
CA GLY C 113 1.29 12.57 -14.76
C GLY C 113 1.89 11.91 -13.53
N LYS C 114 1.08 11.35 -12.64
CA LYS C 114 1.57 10.70 -11.40
C LYS C 114 1.51 9.18 -11.57
N ILE C 115 2.63 8.50 -11.38
CA ILE C 115 2.69 7.01 -11.53
C ILE C 115 1.91 6.40 -10.37
N THR C 116 1.01 5.47 -10.67
CA THR C 116 0.05 4.92 -9.67
C THR C 116 0.14 3.40 -9.63
N SER C 117 0.66 2.73 -10.68
CA SER C 117 0.99 1.28 -10.55
C SER C 117 2.14 0.87 -11.44
N ILE C 118 2.88 -0.13 -10.96
CA ILE C 118 3.99 -0.81 -11.66
C ILE C 118 3.54 -2.21 -12.01
N VAL C 119 3.67 -2.58 -13.27
CA VAL C 119 3.36 -3.96 -13.75
C VAL C 119 4.47 -4.89 -13.29
N LYS C 120 4.07 -6.07 -12.78
CA LYS C 120 4.95 -7.21 -12.42
C LYS C 120 5.69 -7.70 -13.67
N ASP C 121 7.01 -7.93 -13.56
CA ASP C 121 7.90 -8.57 -14.58
C ASP C 121 8.11 -7.61 -15.76
N SER C 122 7.88 -6.31 -15.54
CA SER C 122 8.08 -5.21 -16.52
C SER C 122 9.47 -4.61 -16.31
N SER C 123 9.99 -3.91 -17.32
CA SER C 123 11.28 -3.17 -17.22
C SER C 123 11.16 -2.08 -16.13
N ALA C 124 9.99 -1.46 -16.01
CA ALA C 124 9.66 -0.55 -14.89
C ALA C 124 10.01 -1.22 -13.54
N ALA C 125 9.46 -2.41 -13.30
CA ALA C 125 9.75 -3.20 -12.08
C ALA C 125 11.27 -3.43 -11.95
N ARG C 126 11.93 -4.00 -12.97
CA ARG C 126 13.37 -4.39 -12.87
C ARG C 126 14.21 -3.15 -12.58
N ASN C 127 13.78 -1.98 -13.03
CA ASN C 127 14.56 -0.74 -12.82
C ASN C 127 14.04 0.06 -11.60
N GLY C 128 12.99 -0.41 -10.92
CA GLY C 128 12.60 0.16 -9.62
C GLY C 128 12.00 1.55 -9.74
N LEU C 129 11.15 1.74 -10.76
CA LEU C 129 10.24 2.89 -10.85
C LEU C 129 9.28 2.79 -9.67
N LEU C 130 9.01 3.93 -9.07
CA LEU C 130 8.17 4.08 -7.86
C LEU C 130 6.82 4.67 -8.26
N THR C 131 5.81 4.42 -7.43
CA THR C 131 4.48 5.06 -7.51
C THR C 131 4.56 6.34 -6.71
N GLU C 132 3.49 7.13 -6.70
CA GLU C 132 3.48 8.39 -5.94
C GLU C 132 4.64 9.28 -6.44
N HIS C 133 4.98 9.17 -7.72
CA HIS C 133 6.03 10.02 -8.36
C HIS C 133 5.42 10.75 -9.58
N ASN C 134 5.65 12.06 -9.71
CA ASN C 134 5.22 12.83 -10.92
C ASN C 134 6.26 12.71 -12.04
N ILE C 135 5.80 12.42 -13.24
CA ILE C 135 6.66 12.41 -14.45
C ILE C 135 6.94 13.86 -14.85
N CYS C 136 8.18 14.32 -14.75
CA CYS C 136 8.64 15.68 -15.08
C CYS C 136 9.10 15.74 -16.55
N GLU C 137 9.81 14.71 -17.02
CA GLU C 137 10.35 14.67 -18.39
C GLU C 137 10.32 13.25 -18.92
N ILE C 138 10.21 13.12 -20.27
CA ILE C 138 10.45 11.88 -21.05
C ILE C 138 11.57 12.18 -22.02
N ASN C 139 12.62 11.37 -21.99
CA ASN C 139 13.83 11.50 -22.83
C ASN C 139 14.22 12.95 -22.87
N GLY C 140 14.20 13.63 -21.73
CA GLY C 140 14.75 15.00 -21.61
C GLY C 140 13.75 16.09 -21.94
N GLN C 141 12.57 15.73 -22.44
CA GLN C 141 11.47 16.70 -22.73
C GLN C 141 10.56 16.90 -21.50
N ASN C 142 10.48 18.13 -21.01
CA ASN C 142 9.45 18.55 -20.01
C ASN C 142 8.07 18.13 -20.53
N VAL C 143 7.29 17.40 -19.75
CA VAL C 143 5.87 17.12 -20.11
C VAL C 143 4.94 17.71 -19.03
N ILE C 144 5.40 18.71 -18.29
CA ILE C 144 4.61 19.21 -17.14
C ILE C 144 3.52 20.15 -17.68
N GLY C 145 2.27 19.80 -17.38
CA GLY C 145 1.07 20.50 -17.85
C GLY C 145 0.41 19.80 -19.03
N LEU C 146 1.03 18.81 -19.68
CA LEU C 146 0.40 18.05 -20.80
C LEU C 146 -0.69 17.12 -20.25
N LYS C 147 -1.64 16.70 -21.08
CA LYS C 147 -2.69 15.74 -20.71
C LYS C 147 -2.07 14.35 -20.62
N ASP C 148 -2.72 13.46 -19.89
CA ASP C 148 -2.25 12.06 -19.80
C ASP C 148 -2.13 11.53 -21.24
N SER C 149 -3.09 11.83 -22.12
CA SER C 149 -3.14 11.29 -23.51
C SER C 149 -1.96 11.85 -24.32
N GLN C 150 -1.48 13.05 -24.04
CA GLN C 150 -0.27 13.58 -24.72
C GLN C 150 1.01 12.91 -24.15
N ILE C 151 1.14 12.88 -22.83
CA ILE C 151 2.26 12.15 -22.16
C ILE C 151 2.33 10.74 -22.78
N ALA C 152 1.20 10.05 -22.85
CA ALA C 152 1.19 8.64 -23.36
C ALA C 152 1.54 8.60 -24.87
N ASP C 153 1.11 9.60 -25.65
CA ASP C 153 1.43 9.67 -27.10
C ASP C 153 2.95 9.80 -27.23
N ILE C 154 3.60 10.64 -26.41
CA ILE C 154 5.09 10.81 -26.39
C ILE C 154 5.77 9.50 -26.03
N LEU C 155 5.21 8.76 -25.06
CA LEU C 155 5.77 7.45 -24.65
C LEU C 155 5.74 6.51 -25.87
N SER C 156 4.58 6.39 -26.53
CA SER C 156 4.39 5.56 -27.76
C SER C 156 5.49 5.84 -28.75
N THR C 157 5.79 7.12 -28.99
CA THR C 157 6.68 7.58 -30.09
C THR C 157 8.10 7.80 -29.59
N SER C 158 8.45 7.37 -28.37
CA SER C 158 9.89 7.20 -28.07
C SER C 158 10.31 5.87 -28.68
N GLY C 159 11.59 5.59 -28.67
CA GLY C 159 12.10 4.29 -29.16
C GLY C 159 11.84 3.21 -28.13
N THR C 160 12.58 2.10 -28.20
CA THR C 160 12.38 0.97 -27.26
C THR C 160 12.95 1.36 -25.88
N VAL C 161 14.00 2.19 -25.85
CA VAL C 161 14.64 2.75 -24.63
C VAL C 161 14.04 4.13 -24.30
N VAL C 162 13.36 4.22 -23.14
CA VAL C 162 12.66 5.40 -22.59
C VAL C 162 13.33 5.80 -21.27
N THR C 163 13.64 7.08 -21.11
CA THR C 163 14.18 7.66 -19.87
C THR C 163 13.09 8.52 -19.28
N ILE C 164 12.63 8.21 -18.07
CA ILE C 164 11.64 9.09 -17.36
C ILE C 164 12.41 9.83 -16.26
N THR C 165 12.19 11.13 -16.13
CA THR C 165 12.70 11.92 -14.99
C THR C 165 11.54 12.10 -14.07
N ILE C 166 11.67 11.70 -12.81
CA ILE C 166 10.55 11.66 -11.83
C ILE C 166 10.91 12.43 -10.57
N MET C 167 9.87 12.79 -9.85
CA MET C 167 9.93 13.63 -8.65
C MET C 167 8.86 13.10 -7.70
N PRO C 168 9.20 12.90 -6.40
CA PRO C 168 8.22 12.44 -5.43
C PRO C 168 7.03 13.42 -5.46
N ALA C 169 5.83 12.86 -5.57
CA ALA C 169 4.57 13.61 -5.77
C ALA C 169 4.43 14.77 -4.78
N PHE C 170 4.78 14.56 -3.50
N PHE C 170 4.71 14.57 -3.48
CA PHE C 170 4.55 15.54 -2.40
CA PHE C 170 4.50 15.62 -2.44
C PHE C 170 5.48 16.75 -2.58
C PHE C 170 5.42 16.81 -2.73
N ILE C 171 6.61 16.55 -3.27
CA ILE C 171 7.56 17.67 -3.60
C ILE C 171 7.02 18.43 -4.81
N PHE C 172 6.56 17.68 -5.81
CA PHE C 172 5.99 18.22 -7.06
C PHE C 172 4.79 19.16 -6.72
N GLU C 173 3.87 18.64 -5.94
CA GLU C 173 2.67 19.41 -5.46
C GLU C 173 3.13 20.65 -4.72
N HIS C 174 4.22 20.61 -3.98
CA HIS C 174 4.71 21.80 -3.27
C HIS C 174 5.24 22.82 -4.31
N ILE C 175 6.04 22.35 -5.27
CA ILE C 175 6.70 23.25 -6.24
C ILE C 175 5.63 23.95 -7.09
N ILE C 176 4.49 23.35 -7.41
CA ILE C 176 3.54 23.97 -8.39
C ILE C 176 2.47 24.83 -7.69
N LYS C 177 2.55 24.98 -6.37
CA LYS C 177 1.81 25.99 -5.57
C LYS C 177 2.17 27.39 -6.04
N ARG C 178 1.23 28.34 -5.86
CA ARG C 178 1.36 29.76 -6.28
C ARG C 178 1.30 29.81 -7.80
N MET C 179 0.63 28.86 -8.44
CA MET C 179 0.58 28.83 -9.93
C MET C 179 -0.71 28.13 -10.35
N ALA C 180 -1.55 28.82 -11.14
CA ALA C 180 -2.82 28.31 -11.70
C ALA C 180 -2.52 27.17 -12.66
N PRO C 181 -3.19 26.01 -12.58
CA PRO C 181 -3.02 24.98 -13.63
C PRO C 181 -3.12 25.52 -15.07
N SER C 182 -4.11 26.37 -15.37
CA SER C 182 -4.27 27.00 -16.71
C SER C 182 -2.97 27.68 -17.18
N ILE C 183 -2.24 28.36 -16.29
CA ILE C 183 -1.03 29.18 -16.63
C ILE C 183 0.17 28.25 -16.86
N MET C 184 0.32 27.24 -16.01
CA MET C 184 1.41 26.23 -16.12
C MET C 184 1.26 25.50 -17.46
N LYS C 185 0.04 25.06 -17.78
CA LYS C 185 -0.34 24.46 -19.08
C LYS C 185 0.01 25.39 -20.26
N SER C 186 -0.28 26.69 -20.22
CA SER C 186 -0.10 27.57 -21.41
C SER C 186 1.36 27.87 -21.65
N LEU C 187 2.14 28.05 -20.58
CA LEU C 187 3.46 28.72 -20.63
C LEU C 187 4.61 27.73 -20.47
N MET C 188 4.39 26.50 -19.98
CA MET C 188 5.50 25.58 -19.62
C MET C 188 6.23 25.09 -20.90
N ASP C 189 7.51 25.42 -20.96
CA ASP C 189 8.48 24.94 -21.97
C ASP C 189 8.35 23.43 -22.19
N HIS C 190 8.09 22.99 -23.42
CA HIS C 190 8.05 21.58 -23.86
C HIS C 190 8.97 21.42 -25.07
N THR C 191 9.91 22.35 -25.20
CA THR C 191 10.95 22.40 -26.26
C THR C 191 11.66 21.05 -26.28
N ILE C 192 12.03 20.59 -27.47
CA ILE C 192 13.13 19.62 -27.72
C ILE C 192 14.29 20.47 -28.24
N PRO C 193 15.30 20.78 -27.42
CA PRO C 193 16.26 21.84 -27.76
C PRO C 193 17.18 21.36 -28.89
N GLU C 194 17.58 20.08 -28.83
CA GLU C 194 18.42 19.45 -29.87
C GLU C 194 18.12 17.97 -29.97
N VAL C 195 18.43 17.44 -31.15
CA VAL C 195 18.03 16.08 -31.58
C VAL C 195 19.30 15.35 -32.05
N ILE D 5 -28.13 -6.41 -29.18
CA ILE D 5 -29.61 -6.37 -28.94
C ILE D 5 -30.32 -6.94 -30.18
N LYS D 6 -31.13 -7.99 -29.99
CA LYS D 6 -31.83 -8.75 -31.06
C LYS D 6 -33.22 -8.15 -31.32
N GLN D 7 -33.42 -7.53 -32.48
CA GLN D 7 -34.75 -7.06 -32.97
C GLN D 7 -35.69 -8.28 -33.01
N GLY D 8 -37.00 -8.05 -33.12
CA GLY D 8 -37.99 -9.14 -33.13
C GLY D 8 -38.00 -9.94 -31.84
N ILE D 9 -38.73 -11.05 -31.86
CA ILE D 9 -39.27 -11.75 -30.66
C ILE D 9 -38.71 -13.17 -30.61
N ARG D 10 -38.24 -13.64 -29.45
CA ARG D 10 -37.81 -15.06 -29.25
C ARG D 10 -38.70 -15.73 -28.17
N GLU D 11 -38.84 -17.06 -28.27
CA GLU D 11 -39.49 -17.88 -27.24
C GLU D 11 -38.37 -18.38 -26.32
N VAL D 12 -38.62 -18.43 -25.00
CA VAL D 12 -37.78 -19.21 -24.06
C VAL D 12 -38.67 -20.19 -23.32
N ILE D 13 -38.09 -21.35 -22.99
CA ILE D 13 -38.75 -22.49 -22.30
C ILE D 13 -37.83 -22.71 -21.09
N LEU D 14 -38.40 -22.72 -19.88
CA LEU D 14 -37.62 -22.99 -18.66
C LEU D 14 -38.47 -23.76 -17.65
N CYS D 15 -37.81 -24.25 -16.61
CA CYS D 15 -38.43 -25.06 -15.54
C CYS D 15 -38.04 -24.46 -14.19
N LYS D 16 -38.99 -24.45 -13.25
CA LYS D 16 -38.76 -23.93 -11.88
C LYS D 16 -37.64 -24.74 -11.23
N ASP D 17 -36.82 -24.15 -10.38
CA ASP D 17 -35.79 -24.91 -9.61
C ASP D 17 -36.48 -25.70 -8.48
N GLN D 18 -35.72 -26.17 -7.50
CA GLN D 18 -36.21 -27.08 -6.43
C GLN D 18 -37.16 -26.29 -5.51
N ASP D 19 -36.98 -24.98 -5.39
CA ASP D 19 -37.86 -24.09 -4.56
C ASP D 19 -39.11 -23.60 -5.32
N GLY D 20 -39.33 -24.06 -6.57
CA GLY D 20 -40.46 -23.59 -7.39
C GLY D 20 -40.24 -22.17 -7.90
N LYS D 21 -38.97 -21.78 -8.09
CA LYS D 21 -38.55 -20.40 -8.47
C LYS D 21 -37.93 -20.41 -9.88
N ILE D 22 -38.12 -19.34 -10.65
CA ILE D 22 -37.46 -19.19 -11.97
C ILE D 22 -36.41 -18.11 -11.89
N GLY D 23 -36.50 -17.20 -10.93
CA GLY D 23 -35.42 -16.22 -10.67
C GLY D 23 -35.71 -14.86 -11.32
N LEU D 24 -36.97 -14.37 -11.25
CA LEU D 24 -37.44 -13.13 -11.92
C LEU D 24 -38.12 -12.19 -10.93
N ARG D 25 -37.94 -10.90 -11.15
CA ARG D 25 -38.95 -9.90 -10.75
C ARG D 25 -39.38 -9.12 -12.00
N LEU D 26 -40.69 -8.87 -12.08
CA LEU D 26 -41.37 -8.23 -13.22
C LEU D 26 -41.98 -6.92 -12.78
N LYS D 27 -42.12 -6.00 -13.74
CA LYS D 27 -42.63 -4.64 -13.52
C LYS D 27 -43.51 -4.23 -14.70
N SER D 28 -44.71 -3.74 -14.37
CA SER D 28 -45.69 -3.10 -15.29
C SER D 28 -45.12 -1.76 -15.71
N ILE D 29 -44.86 -1.58 -17.01
CA ILE D 29 -44.46 -0.24 -17.55
C ILE D 29 -45.24 0.02 -18.83
N ASP D 30 -46.06 1.10 -18.88
CA ASP D 30 -46.74 1.55 -20.12
C ASP D 30 -47.59 0.41 -20.71
N ASN D 31 -48.24 -0.36 -19.82
CA ASN D 31 -49.14 -1.51 -20.11
C ASN D 31 -48.36 -2.69 -20.70
N GLY D 32 -47.04 -2.68 -20.51
CA GLY D 32 -46.16 -3.82 -20.73
C GLY D 32 -45.69 -4.46 -19.44
N ILE D 33 -45.07 -5.64 -19.58
CA ILE D 33 -44.36 -6.37 -18.50
C ILE D 33 -42.89 -6.50 -18.87
N PHE D 34 -42.05 -6.01 -17.97
CA PHE D 34 -40.58 -5.92 -18.16
C PHE D 34 -39.90 -6.63 -16.99
N VAL D 35 -38.71 -7.13 -17.24
CA VAL D 35 -37.84 -7.79 -16.24
C VAL D 35 -37.14 -6.71 -15.45
N GLN D 36 -37.40 -6.68 -14.15
CA GLN D 36 -36.76 -5.74 -13.19
C GLN D 36 -35.55 -6.40 -12.56
N LEU D 37 -35.55 -7.72 -12.55
CA LEU D 37 -34.42 -8.48 -11.95
C LEU D 37 -34.34 -9.88 -12.52
N VAL D 38 -33.12 -10.31 -12.77
CA VAL D 38 -32.78 -11.71 -13.11
C VAL D 38 -31.78 -12.17 -12.05
N GLN D 39 -32.08 -13.28 -11.40
CA GLN D 39 -31.19 -13.84 -10.33
C GLN D 39 -30.04 -14.66 -10.97
N ALA D 40 -28.79 -14.32 -10.59
CA ALA D 40 -27.55 -15.13 -10.79
C ALA D 40 -27.82 -16.64 -10.64
N ASN D 41 -27.51 -17.42 -11.65
CA ASN D 41 -27.52 -18.89 -11.60
C ASN D 41 -28.96 -19.40 -11.61
N SER D 42 -29.95 -18.57 -11.87
CA SER D 42 -31.37 -19.00 -11.87
C SER D 42 -31.74 -19.65 -13.19
N PRO D 43 -32.86 -20.39 -13.26
CA PRO D 43 -33.34 -20.81 -14.57
C PRO D 43 -33.58 -19.65 -15.57
N ALA D 44 -33.97 -18.47 -15.09
CA ALA D 44 -34.17 -17.34 -16.00
C ALA D 44 -32.84 -16.97 -16.66
N SER D 45 -31.79 -16.84 -15.84
CA SER D 45 -30.43 -16.45 -16.29
C SER D 45 -29.83 -17.48 -17.26
N LEU D 46 -30.14 -18.77 -17.07
CA LEU D 46 -29.54 -19.91 -17.83
C LEU D 46 -30.19 -20.01 -19.21
N VAL D 47 -31.44 -19.58 -19.33
CA VAL D 47 -32.11 -19.51 -20.68
C VAL D 47 -31.79 -18.16 -21.33
N GLY D 48 -31.10 -17.23 -20.65
CA GLY D 48 -30.64 -15.95 -21.24
C GLY D 48 -31.62 -14.77 -21.11
N LEU D 49 -32.53 -14.77 -20.13
CA LEU D 49 -33.31 -13.56 -19.83
C LEU D 49 -32.39 -12.51 -19.22
N ARG D 50 -32.75 -11.24 -19.42
CA ARG D 50 -32.01 -10.10 -18.89
C ARG D 50 -32.92 -8.99 -18.40
N PHE D 51 -32.35 -8.17 -17.52
CA PHE D 51 -32.88 -6.90 -17.04
C PHE D 51 -33.32 -6.07 -18.27
N GLY D 52 -34.54 -5.50 -18.24
CA GLY D 52 -35.08 -4.70 -19.36
C GLY D 52 -35.80 -5.51 -20.45
N ASP D 53 -35.75 -6.82 -20.43
CA ASP D 53 -36.51 -7.64 -21.40
C ASP D 53 -38.00 -7.41 -21.15
N GLN D 54 -38.79 -7.51 -22.21
CA GLN D 54 -40.26 -7.39 -22.22
C GLN D 54 -40.83 -8.78 -22.38
N VAL D 55 -41.75 -9.13 -21.49
CA VAL D 55 -42.48 -10.41 -21.57
C VAL D 55 -43.81 -10.15 -22.25
N LEU D 56 -43.94 -10.63 -23.51
CA LEU D 56 -45.14 -10.48 -24.36
C LEU D 56 -46.21 -11.49 -23.96
N GLN D 57 -45.81 -12.75 -23.83
CA GLN D 57 -46.68 -13.87 -23.46
C GLN D 57 -46.00 -14.66 -22.36
N ILE D 58 -46.82 -15.29 -21.53
CA ILE D 58 -46.46 -16.36 -20.56
C ILE D 58 -47.43 -17.49 -20.83
N ASN D 59 -46.89 -18.66 -21.20
CA ASN D 59 -47.66 -19.86 -21.58
C ASN D 59 -48.73 -19.51 -22.61
N GLY D 60 -48.40 -18.65 -23.57
CA GLY D 60 -49.28 -18.30 -24.69
C GLY D 60 -50.28 -17.21 -24.34
N GLU D 61 -50.31 -16.69 -23.12
CA GLU D 61 -51.29 -15.64 -22.72
C GLU D 61 -50.59 -14.28 -22.78
N ASN D 62 -51.25 -13.29 -23.38
CA ASN D 62 -50.72 -11.91 -23.53
C ASN D 62 -50.60 -11.27 -22.15
N CYS D 63 -49.48 -10.66 -21.84
CA CYS D 63 -49.20 -9.90 -20.60
C CYS D 63 -49.71 -8.46 -20.67
N ALA D 64 -50.15 -7.98 -21.84
CA ALA D 64 -50.60 -6.60 -22.08
C ALA D 64 -51.63 -6.20 -21.01
N GLY D 65 -51.38 -5.08 -20.34
CA GLY D 65 -52.27 -4.54 -19.28
C GLY D 65 -52.09 -5.17 -17.90
N TRP D 66 -51.31 -6.23 -17.73
CA TRP D 66 -51.16 -6.92 -16.42
C TRP D 66 -50.45 -5.98 -15.42
N SER D 67 -50.91 -5.93 -14.16
CA SER D 67 -50.14 -5.37 -13.03
C SER D 67 -48.95 -6.33 -12.82
N SER D 68 -47.86 -5.88 -12.21
CA SER D 68 -46.75 -6.69 -11.68
C SER D 68 -47.31 -7.88 -10.91
N ASP D 69 -48.24 -7.58 -9.97
CA ASP D 69 -48.91 -8.55 -9.05
C ASP D 69 -49.48 -9.65 -9.91
N LYS D 70 -50.28 -9.31 -10.91
CA LYS D 70 -50.87 -10.37 -11.78
C LYS D 70 -49.77 -11.17 -12.47
N ALA D 71 -48.71 -10.51 -12.94
CA ALA D 71 -47.69 -11.24 -13.75
C ALA D 71 -46.95 -12.21 -12.82
N HIS D 72 -46.56 -11.76 -11.62
CA HIS D 72 -45.96 -12.61 -10.55
C HIS D 72 -46.92 -13.76 -10.19
N LYS D 73 -48.20 -13.45 -10.07
CA LYS D 73 -49.15 -14.50 -9.64
C LYS D 73 -49.21 -15.61 -10.69
N VAL D 74 -49.23 -15.23 -11.98
CA VAL D 74 -49.44 -16.20 -13.09
C VAL D 74 -48.20 -17.11 -13.10
N LEU D 75 -47.02 -16.58 -12.75
CA LEU D 75 -45.78 -17.37 -12.76
C LEU D 75 -45.77 -18.30 -11.54
N LYS D 76 -46.17 -17.80 -10.37
CA LYS D 76 -46.24 -18.65 -9.15
C LYS D 76 -47.15 -19.85 -9.44
N GLN D 77 -48.32 -19.62 -10.04
CA GLN D 77 -49.36 -20.65 -10.26
C GLN D 77 -49.11 -21.54 -11.47
N ALA D 78 -48.08 -21.27 -12.30
CA ALA D 78 -47.75 -22.08 -13.49
C ALA D 78 -47.15 -23.44 -13.07
N PHE D 79 -47.66 -24.54 -13.62
CA PHE D 79 -47.01 -25.87 -13.43
C PHE D 79 -45.59 -25.75 -14.00
N GLY D 80 -44.63 -26.07 -13.12
CA GLY D 80 -43.23 -25.59 -13.21
C GLY D 80 -42.41 -26.44 -14.16
N GLU D 81 -42.95 -27.57 -14.61
CA GLU D 81 -42.23 -28.56 -15.47
C GLU D 81 -41.79 -27.87 -16.78
N LYS D 82 -42.67 -27.07 -17.41
CA LYS D 82 -42.38 -26.35 -18.69
C LYS D 82 -43.15 -25.02 -18.71
N ILE D 83 -42.45 -23.89 -18.65
CA ILE D 83 -43.04 -22.53 -18.81
C ILE D 83 -42.43 -21.92 -20.09
N THR D 84 -43.29 -21.45 -20.99
CA THR D 84 -42.88 -20.74 -22.23
C THR D 84 -43.07 -19.24 -22.00
N MET D 85 -42.16 -18.42 -22.53
CA MET D 85 -42.24 -16.95 -22.42
C MET D 85 -41.80 -16.44 -23.78
N THR D 86 -42.58 -15.53 -24.35
CA THR D 86 -42.25 -14.78 -25.59
C THR D 86 -41.69 -13.43 -25.16
N ILE D 87 -40.48 -13.12 -25.62
CA ILE D 87 -39.59 -12.05 -25.11
C ILE D 87 -39.29 -11.10 -26.27
N ARG D 88 -39.36 -9.79 -26.00
CA ARG D 88 -38.75 -8.77 -26.86
C ARG D 88 -37.48 -8.35 -26.15
N ASP D 89 -36.37 -8.32 -26.88
CA ASP D 89 -35.03 -8.04 -26.31
C ASP D 89 -34.89 -6.57 -25.91
N ARG D 90 -34.74 -6.32 -24.59
CA ARG D 90 -34.30 -5.03 -24.00
C ARG D 90 -34.77 -3.81 -24.80
N PRO D 91 -36.10 -3.64 -25.00
CA PRO D 91 -36.64 -2.61 -25.89
C PRO D 91 -36.37 -1.16 -25.54
N PHE D 92 -36.13 -0.87 -24.27
CA PHE D 92 -35.87 0.49 -23.78
C PHE D 92 -34.40 0.84 -23.82
N GLU D 93 -33.54 -0.08 -24.24
CA GLU D 93 -32.06 0.13 -24.16
C GLU D 93 -31.44 0.08 -25.57
N ARG D 94 -30.26 0.66 -25.68
CA ARG D 94 -29.41 0.62 -26.90
C ARG D 94 -27.97 0.40 -26.47
N THR D 95 -27.14 -0.04 -27.41
CA THR D 95 -25.70 -0.25 -27.13
C THR D 95 -24.87 0.74 -27.94
N ILE D 96 -23.87 1.36 -27.34
CA ILE D 96 -22.90 2.26 -28.02
C ILE D 96 -21.52 1.54 -27.95
N THR D 97 -20.83 1.37 -29.09
CA THR D 97 -19.46 0.79 -29.21
C THR D 97 -18.46 1.95 -29.31
N MET D 98 -17.51 2.00 -28.39
CA MET D 98 -16.43 2.98 -28.26
C MET D 98 -15.07 2.23 -28.24
N HIS D 99 -14.00 2.99 -28.42
CA HIS D 99 -12.59 2.54 -28.42
C HIS D 99 -11.87 3.35 -27.36
N LYS D 100 -11.07 2.67 -26.54
CA LYS D 100 -10.25 3.35 -25.52
C LYS D 100 -9.16 4.17 -26.20
N ASP D 101 -8.93 5.35 -25.64
CA ASP D 101 -7.80 6.20 -26.03
C ASP D 101 -6.54 5.57 -25.44
N SER D 102 -5.40 6.24 -25.57
CA SER D 102 -4.06 5.75 -25.16
C SER D 102 -3.97 5.61 -23.62
N THR D 103 -4.86 6.28 -22.86
CA THR D 103 -4.89 6.26 -21.37
C THR D 103 -5.88 5.21 -20.85
N GLY D 104 -6.54 4.44 -21.71
CA GLY D 104 -7.60 3.47 -21.34
C GLY D 104 -8.99 4.09 -21.14
N HIS D 105 -9.25 5.33 -21.53
CA HIS D 105 -10.56 6.03 -21.34
C HIS D 105 -11.33 6.12 -22.66
N VAL D 106 -12.65 6.10 -22.57
CA VAL D 106 -13.52 6.29 -23.75
C VAL D 106 -14.16 7.68 -23.72
N GLY D 107 -14.07 8.47 -22.62
CA GLY D 107 -14.50 9.87 -22.61
C GLY D 107 -15.88 10.13 -22.02
N PHE D 108 -16.16 9.69 -20.78
CA PHE D 108 -17.36 10.13 -20.05
C PHE D 108 -17.20 10.08 -18.55
N ILE D 109 -18.09 10.82 -17.88
CA ILE D 109 -18.25 10.91 -16.41
C ILE D 109 -19.61 10.30 -16.08
N PHE D 110 -19.67 9.51 -15.03
CA PHE D 110 -20.93 8.93 -14.51
C PHE D 110 -20.90 9.02 -12.98
N LYS D 111 -22.10 9.10 -12.42
CA LYS D 111 -22.38 9.02 -10.96
C LYS D 111 -23.63 8.16 -10.76
N ASN D 112 -23.61 7.26 -9.78
CA ASN D 112 -24.80 6.42 -9.47
C ASN D 112 -25.14 5.65 -10.74
N GLY D 113 -24.13 5.30 -11.52
CA GLY D 113 -24.30 4.64 -12.83
C GLY D 113 -24.97 5.49 -13.92
N LYS D 114 -25.22 6.78 -13.71
CA LYS D 114 -25.93 7.64 -14.71
C LYS D 114 -24.87 8.52 -15.39
N ILE D 115 -24.80 8.51 -16.73
CA ILE D 115 -23.82 9.37 -17.46
C ILE D 115 -24.21 10.83 -17.23
N THR D 116 -23.26 11.66 -16.84
CA THR D 116 -23.50 13.07 -16.51
C THR D 116 -22.72 13.97 -17.47
N SER D 117 -21.59 13.58 -18.05
CA SER D 117 -20.91 14.45 -19.02
C SER D 117 -20.09 13.62 -20.01
N ILE D 118 -19.87 14.21 -21.18
CA ILE D 118 -19.15 13.61 -22.36
C ILE D 118 -17.91 14.47 -22.57
N VAL D 119 -16.78 13.84 -22.73
CA VAL D 119 -15.46 14.52 -22.93
C VAL D 119 -15.40 14.96 -24.41
N LYS D 120 -14.98 16.21 -24.63
CA LYS D 120 -14.66 16.79 -25.96
C LYS D 120 -13.69 15.87 -26.72
N ASP D 121 -14.09 15.48 -27.94
CA ASP D 121 -13.23 14.80 -28.93
C ASP D 121 -12.83 13.41 -28.39
N SER D 122 -13.66 12.83 -27.54
CA SER D 122 -13.55 11.41 -27.11
C SER D 122 -14.24 10.48 -28.10
N SER D 123 -13.98 9.20 -27.90
CA SER D 123 -14.74 8.10 -28.52
C SER D 123 -16.22 8.18 -28.10
N ALA D 124 -16.53 8.50 -26.84
CA ALA D 124 -17.93 8.70 -26.38
C ALA D 124 -18.58 9.76 -27.28
N ALA D 125 -17.86 10.87 -27.51
CA ALA D 125 -18.39 12.02 -28.30
C ALA D 125 -18.64 11.55 -29.74
N ARG D 126 -17.64 10.98 -30.39
CA ARG D 126 -17.78 10.55 -31.80
C ARG D 126 -18.92 9.54 -31.95
N ASN D 127 -19.23 8.75 -30.93
CA ASN D 127 -20.24 7.66 -31.09
C ASN D 127 -21.57 8.14 -30.54
N GLY D 128 -21.65 9.40 -30.10
CA GLY D 128 -22.90 10.04 -29.65
C GLY D 128 -23.54 9.41 -28.42
N LEU D 129 -22.71 9.13 -27.43
CA LEU D 129 -23.20 8.70 -26.10
C LEU D 129 -23.94 9.89 -25.50
N LEU D 130 -24.99 9.64 -24.77
CA LEU D 130 -25.87 10.70 -24.25
C LEU D 130 -25.76 10.77 -22.74
N THR D 131 -26.08 11.93 -22.15
CA THR D 131 -26.17 12.07 -20.70
C THR D 131 -27.58 11.70 -20.30
N GLU D 132 -27.81 11.72 -18.98
CA GLU D 132 -29.12 11.39 -18.38
C GLU D 132 -29.49 9.99 -18.82
N HIS D 133 -28.48 9.12 -18.97
CA HIS D 133 -28.67 7.70 -19.38
C HIS D 133 -27.97 6.81 -18.34
N ASN D 134 -28.65 5.75 -17.94
CA ASN D 134 -28.13 4.75 -16.96
C ASN D 134 -27.44 3.62 -17.72
N ILE D 135 -26.22 3.28 -17.27
CA ILE D 135 -25.44 2.12 -17.70
C ILE D 135 -26.10 0.86 -17.16
N CYS D 136 -26.59 0.01 -18.04
CA CYS D 136 -27.29 -1.25 -17.74
C CYS D 136 -26.30 -2.41 -17.89
N GLU D 137 -25.39 -2.32 -18.87
CA GLU D 137 -24.48 -3.45 -19.20
C GLU D 137 -23.20 -2.90 -19.78
N ILE D 138 -22.12 -3.65 -19.61
CA ILE D 138 -20.80 -3.39 -20.22
C ILE D 138 -20.39 -4.67 -20.90
N ASN D 139 -20.19 -4.60 -22.22
CA ASN D 139 -19.87 -5.78 -23.04
C ASN D 139 -20.87 -6.88 -22.70
N GLY D 140 -22.15 -6.58 -22.60
CA GLY D 140 -23.13 -7.66 -22.35
C GLY D 140 -23.28 -8.02 -20.85
N GLN D 141 -22.39 -7.57 -19.96
CA GLN D 141 -22.51 -7.85 -18.50
C GLN D 141 -23.33 -6.78 -17.77
N ASN D 142 -24.38 -7.22 -17.08
CA ASN D 142 -25.29 -6.50 -16.14
C ASN D 142 -24.41 -5.94 -15.03
N VAL D 143 -24.47 -4.62 -14.86
CA VAL D 143 -23.81 -3.85 -13.78
C VAL D 143 -24.88 -3.11 -12.94
N ILE D 144 -26.10 -3.59 -13.00
CA ILE D 144 -27.18 -2.90 -12.21
C ILE D 144 -27.05 -3.20 -10.73
N GLY D 145 -26.97 -2.13 -9.93
CA GLY D 145 -26.78 -2.21 -8.49
C GLY D 145 -25.33 -2.25 -8.06
N LEU D 146 -24.35 -2.40 -8.96
CA LEU D 146 -22.93 -2.31 -8.58
C LEU D 146 -22.60 -0.88 -8.21
N LYS D 147 -21.53 -0.70 -7.46
CA LYS D 147 -21.01 0.64 -7.09
C LYS D 147 -20.29 1.24 -8.31
N ASP D 148 -20.20 2.56 -8.36
CA ASP D 148 -19.43 3.28 -9.41
C ASP D 148 -18.02 2.68 -9.52
N SER D 149 -17.35 2.39 -8.38
CA SER D 149 -15.95 1.90 -8.41
C SER D 149 -15.92 0.55 -9.13
N GLN D 150 -16.97 -0.26 -8.97
CA GLN D 150 -17.05 -1.59 -9.62
C GLN D 150 -17.22 -1.41 -11.14
N ILE D 151 -18.12 -0.50 -11.52
CA ILE D 151 -18.44 -0.20 -12.93
C ILE D 151 -17.13 0.29 -13.53
N ALA D 152 -16.43 1.22 -12.86
CA ALA D 152 -15.11 1.72 -13.30
C ALA D 152 -14.15 0.55 -13.59
N ASP D 153 -14.08 -0.43 -12.66
CA ASP D 153 -13.17 -1.59 -12.75
C ASP D 153 -13.53 -2.44 -13.98
N ILE D 154 -14.82 -2.73 -14.18
CA ILE D 154 -15.31 -3.51 -15.36
C ILE D 154 -14.96 -2.81 -16.70
N LEU D 155 -15.07 -1.47 -16.80
CA LEU D 155 -14.60 -0.66 -17.96
C LEU D 155 -13.08 -0.85 -18.15
N SER D 156 -12.29 -0.77 -17.09
CA SER D 156 -10.81 -0.89 -17.24
C SER D 156 -10.41 -2.32 -17.65
N THR D 157 -11.15 -3.36 -17.33
CA THR D 157 -10.73 -4.74 -17.67
C THR D 157 -11.35 -5.14 -19.01
N SER D 158 -12.08 -4.23 -19.64
CA SER D 158 -12.58 -4.46 -21.03
C SER D 158 -11.37 -4.48 -21.96
N GLY D 159 -11.44 -5.24 -23.06
CA GLY D 159 -10.60 -4.95 -24.23
C GLY D 159 -10.80 -3.52 -24.77
N THR D 160 -9.96 -3.11 -25.73
CA THR D 160 -9.94 -1.77 -26.38
C THR D 160 -11.36 -1.35 -26.81
N VAL D 161 -12.09 -2.29 -27.39
CA VAL D 161 -13.49 -2.11 -27.86
C VAL D 161 -14.41 -2.32 -26.67
N VAL D 162 -15.09 -1.24 -26.24
CA VAL D 162 -15.99 -1.15 -25.04
C VAL D 162 -17.42 -0.90 -25.55
N THR D 163 -18.32 -1.84 -25.35
CA THR D 163 -19.73 -1.66 -25.68
C THR D 163 -20.46 -1.39 -24.36
N ILE D 164 -21.27 -0.33 -24.32
CA ILE D 164 -22.13 0.00 -23.15
C ILE D 164 -23.59 -0.04 -23.62
N THR D 165 -24.44 -0.67 -22.80
CA THR D 165 -25.90 -0.70 -22.98
C THR D 165 -26.51 0.33 -22.03
N ILE D 166 -27.22 1.30 -22.59
CA ILE D 166 -27.79 2.46 -21.83
C ILE D 166 -29.30 2.47 -21.96
N MET D 167 -29.90 3.15 -20.99
CA MET D 167 -31.34 3.34 -20.86
C MET D 167 -31.53 4.77 -20.38
N PRO D 168 -32.51 5.51 -20.96
CA PRO D 168 -32.80 6.87 -20.50
C PRO D 168 -33.13 6.82 -18.99
N ALA D 169 -32.63 7.78 -18.20
CA ALA D 169 -32.69 7.80 -16.72
C ALA D 169 -34.10 7.63 -16.20
N PHE D 170 -35.06 8.35 -16.79
N PHE D 170 -35.08 8.29 -16.83
CA PHE D 170 -36.49 8.36 -16.37
CA PHE D 170 -36.49 8.36 -16.37
C PHE D 170 -37.04 6.94 -16.47
C PHE D 170 -37.18 7.01 -16.57
N ILE D 171 -36.71 6.21 -17.56
CA ILE D 171 -37.27 4.85 -17.78
C ILE D 171 -36.63 3.90 -16.76
N PHE D 172 -35.33 4.04 -16.53
CA PHE D 172 -34.58 3.19 -15.57
C PHE D 172 -35.17 3.38 -14.15
N GLU D 173 -35.28 4.61 -13.70
CA GLU D 173 -35.87 4.94 -12.39
C GLU D 173 -37.24 4.27 -12.29
N HIS D 174 -38.01 4.21 -13.38
CA HIS D 174 -39.36 3.61 -13.36
C HIS D 174 -39.26 2.11 -13.18
N ILE D 175 -38.34 1.46 -13.87
CA ILE D 175 -38.16 -0.02 -13.83
C ILE D 175 -37.64 -0.42 -12.44
N ILE D 176 -36.73 0.32 -11.82
CA ILE D 176 -36.16 -0.18 -10.53
C ILE D 176 -37.02 0.21 -9.31
N LYS D 177 -38.07 1.04 -9.46
CA LYS D 177 -39.05 1.33 -8.37
C LYS D 177 -39.69 0.03 -7.86
N ARG D 178 -40.04 -0.03 -6.56
CA ARG D 178 -40.74 -1.21 -5.97
C ARG D 178 -39.76 -2.40 -5.99
N MET D 179 -38.52 -2.18 -5.61
CA MET D 179 -37.45 -3.21 -5.53
C MET D 179 -36.45 -2.69 -4.53
N ALA D 180 -36.26 -3.42 -3.44
CA ALA D 180 -35.34 -3.07 -2.34
C ALA D 180 -33.90 -3.10 -2.84
N PRO D 181 -33.13 -2.04 -2.55
CA PRO D 181 -31.72 -2.00 -2.88
C PRO D 181 -30.98 -3.29 -2.49
N SER D 182 -31.36 -3.93 -1.38
CA SER D 182 -30.67 -5.10 -0.78
C SER D 182 -30.97 -6.33 -1.64
N ILE D 183 -32.17 -6.38 -2.21
CA ILE D 183 -32.49 -7.46 -3.19
C ILE D 183 -31.70 -7.22 -4.50
N MET D 184 -31.72 -5.99 -5.02
CA MET D 184 -31.07 -5.60 -6.31
C MET D 184 -29.58 -5.91 -6.18
N LYS D 185 -29.01 -5.46 -5.07
CA LYS D 185 -27.56 -5.57 -4.75
C LYS D 185 -27.17 -7.03 -4.45
N SER D 186 -28.05 -7.91 -4.03
CA SER D 186 -27.64 -9.28 -3.66
C SER D 186 -28.15 -10.37 -4.63
N LEU D 187 -29.19 -10.16 -5.45
CA LEU D 187 -29.73 -11.28 -6.28
C LEU D 187 -29.39 -11.05 -7.75
N MET D 188 -29.06 -9.81 -8.14
CA MET D 188 -28.97 -9.41 -9.57
C MET D 188 -27.81 -10.19 -10.26
N ASP D 189 -28.16 -10.94 -11.30
CA ASP D 189 -27.20 -11.58 -12.23
C ASP D 189 -26.14 -10.59 -12.75
N HIS D 190 -24.84 -10.95 -12.60
CA HIS D 190 -23.67 -10.18 -13.09
C HIS D 190 -22.72 -11.12 -13.81
N THR D 191 -23.19 -12.32 -14.13
CA THR D 191 -22.28 -13.36 -14.66
C THR D 191 -22.01 -13.13 -16.15
N ILE D 192 -20.91 -13.70 -16.66
CA ILE D 192 -20.48 -13.57 -18.08
C ILE D 192 -20.09 -14.98 -18.53
N PRO D 193 -20.11 -15.26 -19.85
CA PRO D 193 -19.88 -16.63 -20.30
C PRO D 193 -18.50 -17.18 -19.90
N GLU D 194 -17.42 -16.39 -19.95
CA GLU D 194 -16.05 -16.85 -19.66
C GLU D 194 -15.22 -15.63 -19.29
N VAL D 195 -14.02 -15.83 -18.74
CA VAL D 195 -12.97 -14.77 -18.64
C VAL D 195 -11.89 -15.09 -19.69
C1 EDO E . 6.04 9.47 0.18
O1 EDO E . 5.45 8.20 0.08
C2 EDO E . 6.84 9.60 1.42
O2 EDO E . 7.83 8.62 1.57
C1 EDO F . 1.03 -18.37 42.29
O1 EDO F . 1.41 -18.01 41.00
C2 EDO F . 2.16 -18.23 43.21
O2 EDO F . 3.20 -17.43 42.71
C1 EDO G . -4.10 -20.80 20.10
O1 EDO G . -5.42 -21.29 19.99
C2 EDO G . -3.07 -21.91 19.97
O2 EDO G . -3.11 -22.91 21.00
N DGL H . 6.89 -7.21 40.02
CA DGL H . 5.60 -7.41 39.28
C DGL H . 5.93 -7.76 37.82
O DGL H . 7.04 -7.46 37.33
CB DGL H . 4.75 -8.47 39.97
CG DGL H . 5.55 -9.55 40.70
CD DGL H . 4.89 -10.91 40.85
OE1 DGL H . 5.66 -11.90 41.01
OE2 DGL H . 3.63 -11.01 40.82
OXT DGL H . 5.11 -8.32 37.06
C1 EDO I . 13.74 20.99 -21.88
O1 EDO I . 13.74 19.71 -21.23
C2 EDO I . 12.37 21.47 -22.20
O2 EDO I . 11.47 20.44 -22.56
C1 EDO J . 7.87 19.37 0.41
O1 EDO J . 8.49 20.08 -0.65
C2 EDO J . 8.58 19.52 1.73
O2 EDO J . 9.09 20.81 2.02
C1 EDO K . 14.81 12.27 -3.89
O1 EDO K . 14.24 11.79 -5.11
C2 EDO K . 14.78 13.75 -3.65
O2 EDO K . 16.02 14.34 -3.24
N GLY L . 6.16 30.06 1.22
CA GLY L . 6.55 31.51 1.08
C GLY L . 7.11 31.82 -0.30
O GLY L . 7.83 32.78 -0.47
OXT GLY L . 6.85 31.08 -1.26
C4 YEK M . -25.42 -14.78 -17.68
C5 YEK M . -26.98 -14.47 -20.22
C6 YEK M . -27.38 -14.17 -21.66
C7 YEK M . -26.33 -14.81 -22.55
N YEK M . -25.71 -15.22 -20.34
C YEK M . -24.28 -16.26 -22.15
O YEK M . -26.17 -17.80 -20.33
C1 YEK M . -25.68 -15.90 -21.67
C2 YEK M . -26.58 -17.11 -21.39
C3 YEK M . -27.08 -18.79 -19.85
O1 YEK M . -27.57 -17.36 -22.00
O2 YEK M . -24.00 -16.45 -19.05
O3 YEK M . -23.71 -14.06 -19.49
S YEK M . -24.57 -15.15 -19.16
C1 EDO N . -26.06 -11.20 -18.26
O1 EDO N . -25.91 -9.99 -18.99
C2 EDO N . -25.72 -11.00 -16.85
O2 EDO N . -24.60 -10.20 -16.66
C1 EDO O . -42.95 6.33 -18.27
O1 EDO O . -43.63 5.12 -18.48
C2 EDO O . -41.49 6.09 -18.33
O2 EDO O . -41.14 4.81 -17.88
S SO4 P . -13.70 5.82 -32.00
O1 SO4 P . -14.08 6.65 -33.12
O2 SO4 P . -13.14 6.64 -30.97
O3 SO4 P . -14.85 5.13 -31.51
O4 SO4 P . -12.72 4.86 -32.44
S SO4 Q . -22.28 4.52 -5.97
O1 SO4 Q . -21.95 5.92 -6.07
O2 SO4 Q . -21.09 3.73 -6.08
O3 SO4 Q . -23.20 4.17 -7.01
O4 SO4 Q . -22.90 4.27 -4.69
S SO4 R . -42.91 -9.80 -5.61
O1 SO4 R . -43.25 -9.82 -4.21
O2 SO4 R . -42.42 -8.48 -5.96
O3 SO4 R . -44.07 -10.10 -6.38
O4 SO4 R . -41.89 -10.77 -5.87
N ALA S . -14.16 8.29 -17.12
CA ALA S . -14.30 6.90 -17.67
C ALA S . -13.83 6.85 -19.12
O ALA S . -13.59 7.90 -19.73
CB ALA S . -15.73 6.42 -17.56
OXT ALA S . -13.68 5.74 -19.65
N DGL T . -49.61 -0.75 -10.95
CA DGL T . -48.19 -0.79 -10.44
C DGL T . -47.52 -2.06 -10.99
O DGL T . -46.24 -2.15 -11.01
CB DGL T . -47.44 0.50 -10.82
CG DGL T . -47.68 1.00 -12.24
CD DGL T . -46.54 1.74 -12.93
OE1 DGL T . -45.69 2.37 -12.23
OE2 DGL T . -46.49 1.70 -14.17
OXT DGL T . -48.27 -3.00 -11.41
N GLY U . -50.74 -0.59 -16.46
CA GLY U . -51.95 -1.38 -16.15
C GLY U . -51.88 -1.99 -14.76
O GLY U . -50.94 -1.74 -14.01
OXT GLY U . -52.77 -2.74 -14.38
#